data_9C6D
#
_entry.id   9C6D
#
_cell.length_a   55.879
_cell.length_b   91.975
_cell.length_c   138.948
_cell.angle_alpha   90.000
_cell.angle_beta   96.740
_cell.angle_gamma   90.000
#
_symmetry.space_group_name_H-M   'C 1 2 1'
#
loop_
_entity.id
_entity.type
_entity.pdbx_description
1 polymer 'Tautomerase family protein'
2 non-polymer '3-bromo-3-oxopropanoic acid'
3 water water
#
_entity_poly.entity_id   1
_entity_poly.type   'polypeptide(L)'
_entity_poly.pdbx_seq_one_letter_code
;PQVKIYGLDSHLNPQKVRLSEVIHRCVVEALQFPKNKRFHRFFPMKAEDMLFSEDRSSAYTIIEITMMEGRSKEAKKKLI
ALLFKHIEEELGIAGNDLEIFIQEAPAYHFGFRGMGGDEIVLDYKVEV
;
_entity_poly.pdbx_strand_id   A,B,C,D,E,F
#
loop_
_chem_comp.id
_chem_comp.type
_chem_comp.name
_chem_comp.formula
A1AWY non-polymer '3-bromo-3-oxopropanoic acid' 'C3 H3 Br O3'
#
# COMPACT_ATOMS: atom_id res chain seq x y z
N PRO A 1 7.73 -18.48 -25.06
CA PRO A 1 7.08 -17.20 -24.77
C PRO A 1 7.84 -16.35 -23.74
N GLN A 2 7.55 -15.05 -23.73
CA GLN A 2 8.00 -14.15 -22.68
C GLN A 2 6.90 -14.01 -21.63
N VAL A 3 7.29 -14.08 -20.35
CA VAL A 3 6.36 -14.03 -19.22
C VAL A 3 6.83 -12.95 -18.26
N LYS A 4 5.94 -12.03 -17.91
CA LYS A 4 6.17 -11.08 -16.82
C LYS A 4 5.17 -11.37 -15.71
N ILE A 5 5.65 -11.34 -14.46
CA ILE A 5 4.87 -11.70 -13.28
C ILE A 5 4.97 -10.56 -12.29
N TYR A 6 3.82 -10.04 -11.89
CA TYR A 6 3.74 -8.93 -10.94
C TYR A 6 3.00 -9.38 -9.69
N GLY A 7 3.42 -8.86 -8.54
CA GLY A 7 2.74 -9.21 -7.28
C GLY A 7 3.36 -8.39 -6.16
N LEU A 8 2.65 -8.37 -5.02
CA LEU A 8 3.19 -7.64 -3.87
C LEU A 8 4.44 -8.35 -3.34
N ASP A 9 5.45 -7.54 -2.96
CA ASP A 9 6.74 -8.09 -2.54
C ASP A 9 6.60 -9.20 -1.50
N SER A 10 5.76 -8.99 -0.47
CA SER A 10 5.71 -9.95 0.65
C SER A 10 5.20 -11.32 0.21
N HIS A 11 4.38 -11.36 -0.82
CA HIS A 11 3.89 -12.63 -1.32
C HIS A 11 4.74 -13.19 -2.46
N LEU A 12 5.15 -12.34 -3.41
CA LEU A 12 5.87 -12.82 -4.60
C LEU A 12 7.29 -13.28 -4.27
N ASN A 13 8.01 -12.55 -3.42
CA ASN A 13 9.41 -12.92 -3.20
C ASN A 13 9.55 -14.34 -2.65
N PRO A 14 8.84 -14.76 -1.61
CA PRO A 14 9.00 -16.14 -1.16
C PRO A 14 8.58 -17.19 -2.20
N GLN A 15 7.72 -16.87 -3.17
CA GLN A 15 7.12 -17.89 -4.02
C GLN A 15 7.64 -17.91 -5.45
N LYS A 16 8.54 -17.01 -5.83
CA LYS A 16 8.79 -16.84 -7.25
C LYS A 16 9.55 -18.01 -7.87
N VAL A 17 10.42 -18.68 -7.12
CA VAL A 17 11.07 -19.89 -7.63
C VAL A 17 10.05 -20.98 -7.93
N ARG A 18 9.07 -21.21 -7.04
CA ARG A 18 8.05 -22.22 -7.31
C ARG A 18 7.09 -21.78 -8.40
N LEU A 19 6.69 -20.50 -8.37
CA LEU A 19 5.79 -19.98 -9.40
C LEU A 19 6.42 -20.06 -10.78
N SER A 20 7.72 -19.76 -10.89
CA SER A 20 8.42 -19.94 -12.17
C SER A 20 8.40 -21.40 -12.63
N GLU A 21 8.64 -22.34 -11.72
CA GLU A 21 8.51 -23.76 -12.07
C GLU A 21 7.12 -24.08 -12.60
N VAL A 22 6.08 -23.76 -11.81
CA VAL A 22 4.72 -24.13 -12.19
C VAL A 22 4.30 -23.48 -13.51
N ILE A 23 4.66 -22.22 -13.72
CA ILE A 23 4.32 -21.54 -14.98
C ILE A 23 4.94 -22.27 -16.16
N HIS A 24 6.22 -22.57 -16.06
CA HIS A 24 6.90 -23.25 -17.14
C HIS A 24 6.29 -24.61 -17.43
N ARG A 25 5.92 -25.35 -16.39
CA ARG A 25 5.25 -26.63 -16.60
C ARG A 25 3.99 -26.47 -17.44
N CYS A 26 3.14 -25.48 -17.12
CA CYS A 26 1.90 -25.27 -17.87
C CYS A 26 2.17 -24.82 -19.31
N VAL A 27 3.23 -24.04 -19.52
CA VAL A 27 3.55 -23.56 -20.86
C VAL A 27 4.00 -24.72 -21.75
N VAL A 28 4.85 -25.59 -21.20
CA VAL A 28 5.34 -26.74 -21.93
C VAL A 28 4.20 -27.71 -22.21
N GLU A 29 3.23 -27.80 -21.30
CA GLU A 29 2.13 -28.72 -21.51
C GLU A 29 1.14 -28.22 -22.55
N ALA A 30 0.78 -26.93 -22.51
CA ALA A 30 -0.27 -26.47 -23.41
C ALA A 30 0.23 -26.14 -24.81
N LEU A 31 1.52 -25.81 -24.98
CA LEU A 31 2.07 -25.34 -26.25
C LEU A 31 3.19 -26.21 -26.81
N GLN A 32 3.38 -27.43 -26.30
CA GLN A 32 4.51 -28.30 -26.65
C GLN A 32 5.81 -27.53 -26.84
N PHE A 33 6.11 -26.62 -25.94
CA PHE A 33 7.37 -25.89 -25.96
C PHE A 33 8.48 -26.76 -25.37
N PRO A 34 9.75 -26.45 -25.68
CA PRO A 34 10.87 -27.16 -25.04
C PRO A 34 10.91 -26.91 -23.54
N LYS A 35 11.52 -27.86 -22.83
CA LYS A 35 11.69 -27.73 -21.37
C LYS A 35 12.74 -26.67 -21.01
N ASN A 36 13.65 -26.36 -21.94
CA ASN A 36 14.39 -25.11 -21.91
C ASN A 36 13.47 -24.00 -22.41
N LYS A 37 14.01 -22.83 -22.75
CA LYS A 37 13.19 -21.73 -23.24
C LYS A 37 12.20 -21.25 -22.16
N ARG A 38 12.66 -21.18 -20.92
CA ARG A 38 11.94 -20.50 -19.84
C ARG A 38 12.45 -19.06 -19.75
N PHE A 39 11.60 -18.09 -20.08
CA PHE A 39 11.92 -16.66 -19.99
C PHE A 39 10.91 -15.94 -19.07
N HIS A 40 11.34 -15.62 -17.85
CA HIS A 40 10.46 -15.10 -16.81
C HIS A 40 11.09 -13.88 -16.16
N ARG A 41 10.31 -12.81 -16.01
CA ARG A 41 10.74 -11.58 -15.36
C ARG A 41 9.74 -11.30 -14.26
N PHE A 42 10.23 -11.12 -13.02
CA PHE A 42 9.41 -10.90 -11.84
C PHE A 42 9.53 -9.44 -11.37
N PHE A 43 8.39 -8.88 -10.98
CA PHE A 43 8.30 -7.50 -10.52
C PHE A 43 7.60 -7.50 -9.15
N PRO A 44 8.33 -7.85 -8.11
CA PRO A 44 7.79 -7.71 -6.75
C PRO A 44 7.56 -6.24 -6.47
N MET A 45 6.34 -5.89 -6.06
CA MET A 45 5.92 -4.49 -6.01
C MET A 45 5.53 -4.11 -4.59
N LYS A 46 5.67 -2.81 -4.29
CA LYS A 46 5.15 -2.27 -3.04
C LYS A 46 3.63 -2.20 -3.10
N ALA A 47 2.99 -2.30 -1.93
CA ALA A 47 1.53 -2.21 -1.93
C ALA A 47 1.05 -0.79 -2.23
N GLU A 48 1.87 0.22 -1.95
CA GLU A 48 1.53 1.56 -2.40
C GLU A 48 1.58 1.70 -3.92
N ASP A 49 2.27 0.79 -4.61
CA ASP A 49 2.43 0.86 -6.07
C ASP A 49 1.54 -0.13 -6.86
N MET A 50 1.15 -1.26 -6.28
CA MET A 50 0.24 -2.22 -6.92
C MET A 50 -1.09 -2.21 -6.20
N LEU A 51 -2.03 -1.42 -6.71
CA LEU A 51 -3.36 -1.28 -6.12
C LEU A 51 -4.38 -2.16 -6.85
N PHE A 52 -5.26 -2.80 -6.08
CA PHE A 52 -6.24 -3.73 -6.63
C PHE A 52 -7.54 -3.62 -5.82
N SER A 53 -8.58 -4.33 -6.26
CA SER A 53 -9.87 -4.16 -5.61
C SER A 53 -9.84 -4.73 -4.20
N GLU A 54 -10.80 -4.29 -3.39
CA GLU A 54 -10.84 -4.63 -1.98
C GLU A 54 -11.09 -6.11 -1.75
N ASP A 55 -11.79 -6.78 -2.67
CA ASP A 55 -12.06 -8.18 -2.45
C ASP A 55 -10.88 -9.08 -2.79
N ARG A 56 -9.77 -8.53 -3.31
CA ARG A 56 -8.56 -9.33 -3.52
C ARG A 56 -7.66 -9.25 -2.30
N SER A 57 -6.78 -10.25 -2.20
CA SER A 57 -5.83 -10.37 -1.10
C SER A 57 -4.40 -10.05 -1.59
N SER A 58 -3.45 -10.09 -0.64
CA SER A 58 -2.06 -9.78 -0.94
C SER A 58 -1.40 -10.84 -1.81
N ALA A 59 -2.09 -11.96 -2.10
CA ALA A 59 -1.56 -12.93 -3.06
C ALA A 59 -1.93 -12.60 -4.51
N TYR A 60 -2.55 -11.45 -4.76
CA TYR A 60 -2.99 -11.08 -6.09
C TYR A 60 -1.81 -10.98 -7.04
N THR A 61 -1.87 -11.75 -8.11
CA THR A 61 -0.74 -11.93 -9.00
C THR A 61 -1.21 -11.74 -10.43
N ILE A 62 -0.42 -11.02 -11.23
CA ILE A 62 -0.70 -10.80 -12.65
C ILE A 62 0.38 -11.49 -13.47
N ILE A 63 -0.02 -12.33 -14.44
CA ILE A 63 0.89 -13.01 -15.35
C ILE A 63 0.64 -12.52 -16.77
N GLU A 64 1.65 -11.87 -17.37
CA GLU A 64 1.55 -11.34 -18.72
C GLU A 64 2.42 -12.18 -19.65
N ILE A 65 1.80 -12.75 -20.68
CA ILE A 65 2.45 -13.71 -21.58
C ILE A 65 2.49 -13.08 -22.97
N THR A 66 3.69 -12.93 -23.52
CA THR A 66 3.86 -12.46 -24.89
C THR A 66 4.35 -13.60 -25.76
N MET A 67 3.69 -13.82 -26.90
CA MET A 67 4.05 -14.91 -27.80
C MET A 67 3.70 -14.57 -29.24
N MET A 68 4.40 -15.22 -30.16
CA MET A 68 4.12 -15.05 -31.58
C MET A 68 2.71 -15.50 -31.93
N GLU A 69 2.07 -14.77 -32.83
CA GLU A 69 0.76 -15.21 -33.30
C GLU A 69 0.86 -16.56 -34.00
N GLY A 70 -0.25 -17.26 -34.05
CA GLY A 70 -0.27 -18.55 -34.72
C GLY A 70 -0.77 -19.71 -33.89
N ARG A 71 -0.84 -19.57 -32.56
CA ARG A 71 -1.45 -20.61 -31.74
C ARG A 71 -2.97 -20.54 -31.84
N SER A 72 -3.59 -21.71 -31.78
CA SER A 72 -5.04 -21.80 -31.79
C SER A 72 -5.63 -21.23 -30.49
N LYS A 73 -6.91 -20.87 -30.58
CA LYS A 73 -7.66 -20.45 -29.40
C LYS A 73 -7.74 -21.56 -28.35
N GLU A 74 -7.89 -22.82 -28.81
CA GLU A 74 -7.98 -23.93 -27.87
C GLU A 74 -6.72 -24.06 -27.03
N ALA A 75 -5.54 -23.89 -27.66
CA ALA A 75 -4.30 -24.00 -26.92
C ALA A 75 -4.13 -22.85 -25.94
N LYS A 76 -4.50 -21.64 -26.34
CA LYS A 76 -4.34 -20.51 -25.43
C LYS A 76 -5.31 -20.61 -24.25
N LYS A 77 -6.52 -21.12 -24.49
CA LYS A 77 -7.47 -21.34 -23.40
C LYS A 77 -7.00 -22.46 -22.49
N LYS A 78 -6.42 -23.53 -23.05
CA LYS A 78 -5.84 -24.57 -22.21
C LYS A 78 -4.74 -24.00 -21.32
N LEU A 79 -3.88 -23.15 -21.88
CA LEU A 79 -2.81 -22.55 -21.08
C LEU A 79 -3.38 -21.77 -19.91
N ILE A 80 -4.39 -20.94 -20.18
CA ILE A 80 -5.05 -20.19 -19.10
C ILE A 80 -5.57 -21.15 -18.05
N ALA A 81 -6.28 -22.19 -18.48
CA ALA A 81 -6.92 -23.12 -17.54
C ALA A 81 -5.87 -23.84 -16.69
N LEU A 82 -4.81 -24.33 -17.33
CA LEU A 82 -3.76 -25.03 -16.59
C LEU A 82 -3.09 -24.12 -15.57
N LEU A 83 -2.87 -22.85 -15.92
CA LEU A 83 -2.25 -21.93 -14.97
C LEU A 83 -3.15 -21.69 -13.77
N PHE A 84 -4.45 -21.50 -13.98
CA PHE A 84 -5.35 -21.35 -12.84
C PHE A 84 -5.30 -22.58 -11.94
N LYS A 85 -5.34 -23.77 -12.54
CA LYS A 85 -5.43 -25.01 -11.77
C LYS A 85 -4.14 -25.29 -11.01
N HIS A 86 -3.00 -25.32 -11.71
CA HIS A 86 -1.77 -25.73 -11.05
C HIS A 86 -1.23 -24.65 -10.11
N ILE A 87 -1.48 -23.37 -10.39
CA ILE A 87 -1.01 -22.35 -9.45
C ILE A 87 -1.84 -22.40 -8.17
N GLU A 88 -3.15 -22.64 -8.29
CA GLU A 88 -3.96 -22.79 -7.08
C GLU A 88 -3.54 -24.01 -6.28
N GLU A 89 -3.32 -25.14 -6.94
CA GLU A 89 -2.90 -26.36 -6.24
C GLU A 89 -1.54 -26.20 -5.60
N GLU A 90 -0.58 -25.64 -6.35
CA GLU A 90 0.80 -25.65 -5.87
C GLU A 90 1.11 -24.49 -4.94
N LEU A 91 0.52 -23.32 -5.17
CA LEU A 91 0.81 -22.14 -4.37
C LEU A 91 -0.40 -21.57 -3.65
N GLY A 92 -1.57 -22.18 -3.77
CA GLY A 92 -2.72 -21.69 -3.04
C GLY A 92 -3.23 -20.32 -3.43
N ILE A 93 -2.94 -19.85 -4.65
CA ILE A 93 -3.46 -18.59 -5.14
C ILE A 93 -4.82 -18.86 -5.76
N ALA A 94 -5.88 -18.43 -5.09
CA ALA A 94 -7.24 -18.70 -5.54
C ALA A 94 -7.53 -17.96 -6.83
N GLY A 95 -8.53 -18.46 -7.58
CA GLY A 95 -8.80 -17.93 -8.90
C GLY A 95 -9.01 -16.43 -8.92
N ASN A 96 -9.71 -15.90 -7.91
CA ASN A 96 -9.93 -14.46 -7.84
C ASN A 96 -8.63 -13.67 -7.66
N ASP A 97 -7.59 -14.29 -7.12
CA ASP A 97 -6.32 -13.60 -6.89
C ASP A 97 -5.34 -13.77 -8.05
N LEU A 98 -5.76 -14.34 -9.17
CA LEU A 98 -4.83 -14.61 -10.26
C LEU A 98 -5.40 -14.01 -11.54
N GLU A 99 -4.59 -13.23 -12.23
CA GLU A 99 -5.02 -12.66 -13.49
C GLU A 99 -3.97 -12.93 -14.57
N ILE A 100 -4.45 -13.33 -15.75
CA ILE A 100 -3.59 -13.79 -16.83
C ILE A 100 -3.96 -13.08 -18.12
N PHE A 101 -2.95 -12.69 -18.88
CA PHE A 101 -3.11 -11.88 -20.07
C PHE A 101 -2.11 -12.38 -21.09
N ILE A 102 -2.61 -12.76 -22.26
CA ILE A 102 -1.77 -13.18 -23.39
C ILE A 102 -1.79 -12.06 -24.42
N GLN A 103 -0.62 -11.73 -24.93
CA GLN A 103 -0.53 -10.78 -26.02
C GLN A 103 0.27 -11.39 -27.17
N GLU A 104 -0.21 -11.15 -28.39
CA GLU A 104 0.30 -11.74 -29.62
C GLU A 104 0.70 -10.64 -30.60
N ALA A 105 1.59 -10.98 -31.51
CA ALA A 105 1.95 -10.07 -32.60
C ALA A 105 2.42 -10.90 -33.78
N PRO A 106 2.35 -10.36 -35.00
CA PRO A 106 2.89 -11.07 -36.17
C PRO A 106 4.35 -11.49 -35.98
N ALA A 107 4.71 -12.58 -36.65
CA ALA A 107 6.04 -13.18 -36.46
C ALA A 107 7.15 -12.21 -36.83
N TYR A 108 6.96 -11.39 -37.88
CA TYR A 108 7.97 -10.39 -38.22
C TYR A 108 8.06 -9.23 -37.23
N HIS A 109 7.21 -9.18 -36.19
CA HIS A 109 7.36 -8.18 -35.13
C HIS A 109 8.39 -8.61 -34.08
N PHE A 110 8.97 -9.80 -34.20
CA PHE A 110 9.91 -10.33 -33.23
C PHE A 110 11.30 -10.48 -33.83
N GLY A 111 12.30 -10.35 -32.97
CA GLY A 111 13.65 -10.81 -33.30
C GLY A 111 14.20 -11.64 -32.16
N PHE A 112 14.88 -12.72 -32.52
CA PHE A 112 15.67 -13.46 -31.53
C PHE A 112 16.73 -14.24 -32.28
N ARG A 113 17.88 -14.40 -31.63
CA ARG A 113 18.99 -15.17 -32.20
C ARG A 113 19.46 -14.58 -33.53
N GLY A 114 19.28 -13.27 -33.71
CA GLY A 114 19.82 -12.56 -34.84
C GLY A 114 18.99 -12.56 -36.10
N MET A 115 17.81 -13.18 -36.08
CA MET A 115 16.95 -13.22 -37.25
C MET A 115 15.56 -12.72 -36.88
N GLY A 116 14.82 -12.30 -37.89
CA GLY A 116 13.43 -11.95 -37.71
C GLY A 116 12.59 -13.19 -37.45
N GLY A 117 11.50 -12.98 -36.69
CA GLY A 117 10.71 -14.11 -36.24
C GLY A 117 10.04 -14.89 -37.36
N ASP A 118 9.78 -14.22 -38.49
CA ASP A 118 9.29 -14.94 -39.67
C ASP A 118 10.41 -15.55 -40.50
N GLU A 119 11.62 -15.65 -39.93
CA GLU A 119 12.74 -16.37 -40.56
C GLU A 119 13.37 -17.27 -39.51
N PRO B 1 8.09 6.00 -31.41
CA PRO B 1 7.96 4.74 -30.66
C PRO B 1 8.38 4.86 -29.21
N GLN B 2 7.76 4.05 -28.36
CA GLN B 2 8.12 3.91 -26.95
C GLN B 2 8.92 2.63 -26.80
N VAL B 3 10.07 2.71 -26.11
CA VAL B 3 11.00 1.60 -26.00
C VAL B 3 11.23 1.28 -24.52
N LYS B 4 11.12 -0.01 -24.18
CA LYS B 4 11.44 -0.53 -22.86
C LYS B 4 12.54 -1.57 -23.03
N ILE B 5 13.51 -1.54 -22.13
CA ILE B 5 14.71 -2.37 -22.23
C ILE B 5 14.90 -3.06 -20.89
N TYR B 6 15.02 -4.38 -20.92
CA TYR B 6 15.16 -5.19 -19.71
C TYR B 6 16.46 -5.95 -19.80
N GLY B 7 17.17 -6.04 -18.69
CA GLY B 7 18.38 -6.84 -18.62
C GLY B 7 18.88 -6.88 -17.18
N LEU B 8 19.83 -7.79 -16.94
CA LEU B 8 20.46 -7.89 -15.63
C LEU B 8 21.10 -6.57 -15.22
N ASP B 9 20.86 -6.15 -13.96
CA ASP B 9 21.38 -4.86 -13.50
C ASP B 9 22.89 -4.71 -13.72
N SER B 10 23.64 -5.79 -13.50
CA SER B 10 25.10 -5.67 -13.55
C SER B 10 25.62 -5.56 -14.99
N HIS B 11 24.91 -6.15 -15.96
CA HIS B 11 25.28 -5.99 -17.36
C HIS B 11 24.65 -4.75 -17.97
N LEU B 12 23.40 -4.46 -17.63
CA LEU B 12 22.66 -3.40 -18.31
C LEU B 12 23.07 -2.02 -17.81
N ASN B 13 23.37 -1.88 -16.52
CA ASN B 13 23.64 -0.54 -16.00
C ASN B 13 24.88 0.12 -16.61
N PRO B 14 26.01 -0.57 -16.83
CA PRO B 14 27.14 0.11 -17.48
C PRO B 14 26.91 0.38 -18.96
N GLN B 15 26.01 -0.34 -19.62
CA GLN B 15 25.80 -0.20 -21.06
C GLN B 15 24.62 0.70 -21.44
N LYS B 16 23.86 1.22 -20.48
CA LYS B 16 22.55 1.75 -20.82
C LYS B 16 22.65 3.09 -21.55
N VAL B 17 23.62 3.94 -21.22
CA VAL B 17 23.70 5.22 -21.93
C VAL B 17 23.97 4.98 -23.41
N ARG B 18 24.89 4.06 -23.74
CA ARG B 18 25.23 3.82 -25.14
C ARG B 18 24.26 2.87 -25.83
N LEU B 19 23.64 1.94 -25.09
CA LEU B 19 22.54 1.17 -25.67
C LEU B 19 21.43 2.08 -26.15
N SER B 20 21.09 3.08 -25.36
CA SER B 20 20.01 4.01 -25.72
C SER B 20 20.35 4.78 -27.00
N GLU B 21 21.59 5.28 -27.11
CA GLU B 21 21.98 5.97 -28.33
C GLU B 21 21.90 5.05 -29.54
N VAL B 22 22.38 3.80 -29.39
CA VAL B 22 22.37 2.88 -30.52
C VAL B 22 20.94 2.52 -30.92
N ILE B 23 20.10 2.19 -29.95
CA ILE B 23 18.70 1.91 -30.24
C ILE B 23 18.08 3.06 -31.02
N HIS B 24 18.30 4.30 -30.56
CA HIS B 24 17.68 5.43 -31.25
C HIS B 24 18.21 5.61 -32.65
N ARG B 25 19.52 5.39 -32.85
CA ARG B 25 20.13 5.47 -34.17
C ARG B 25 19.43 4.53 -35.15
N CYS B 26 19.13 3.32 -34.70
CA CYS B 26 18.42 2.36 -35.54
C CYS B 26 16.99 2.79 -35.78
N VAL B 27 16.35 3.37 -34.76
CA VAL B 27 14.97 3.82 -34.93
C VAL B 27 14.92 4.96 -35.95
N VAL B 28 15.82 5.93 -35.80
CA VAL B 28 15.88 7.04 -36.76
C VAL B 28 16.14 6.51 -38.17
N GLU B 29 17.10 5.59 -38.30
CA GLU B 29 17.53 5.10 -39.62
C GLU B 29 16.42 4.32 -40.32
N ALA B 30 15.77 3.38 -39.61
CA ALA B 30 14.81 2.50 -40.26
C ALA B 30 13.41 3.07 -40.37
N LEU B 31 13.01 3.97 -39.47
CA LEU B 31 11.65 4.52 -39.47
C LEU B 31 11.59 6.00 -39.82
N GLN B 32 12.74 6.64 -40.10
CA GLN B 32 12.81 8.07 -40.41
C GLN B 32 12.17 8.90 -39.30
N PHE B 33 12.36 8.44 -38.06
CA PHE B 33 11.84 9.14 -36.91
C PHE B 33 12.74 10.31 -36.55
N PRO B 34 12.17 11.37 -35.97
CA PRO B 34 12.99 12.53 -35.57
C PRO B 34 14.08 12.16 -34.56
N LYS B 35 15.26 12.73 -34.77
CA LYS B 35 16.38 12.53 -33.86
C LYS B 35 16.06 12.96 -32.43
N ASN B 36 15.11 13.89 -32.25
CA ASN B 36 14.77 14.45 -30.94
C ASN B 36 13.85 13.56 -30.12
N LYS B 37 13.04 12.70 -30.74
CA LYS B 37 11.99 11.98 -30.00
C LYS B 37 12.48 10.60 -29.53
N ARG B 38 13.39 10.65 -28.56
CA ARG B 38 13.94 9.45 -27.94
C ARG B 38 13.19 9.20 -26.62
N PHE B 39 12.39 8.12 -26.59
CA PHE B 39 11.58 7.76 -25.41
C PHE B 39 11.90 6.33 -24.98
N HIS B 40 12.79 6.19 -23.97
CA HIS B 40 13.33 4.92 -23.51
C HIS B 40 13.13 4.75 -22.00
N ARG B 41 12.69 3.57 -21.59
CA ARG B 41 12.65 3.19 -20.18
C ARG B 41 13.48 1.93 -20.00
N PHE B 42 14.47 1.99 -19.09
CA PHE B 42 15.31 0.85 -18.77
C PHE B 42 14.87 0.20 -17.46
N PHE B 43 14.99 -1.13 -17.42
CA PHE B 43 14.54 -1.94 -16.29
C PHE B 43 15.67 -2.91 -15.96
N PRO B 44 16.72 -2.43 -15.28
CA PRO B 44 17.79 -3.32 -14.79
C PRO B 44 17.25 -4.19 -13.65
N MET B 45 17.23 -5.50 -13.87
CA MET B 45 16.66 -6.46 -12.93
C MET B 45 17.75 -7.11 -12.10
N LYS B 46 17.39 -7.46 -10.87
CA LYS B 46 18.23 -8.37 -10.10
C LYS B 46 18.21 -9.74 -10.74
N ALA B 47 19.33 -10.47 -10.57
CA ALA B 47 19.45 -11.81 -11.16
C ALA B 47 18.33 -12.74 -10.69
N GLU B 48 17.92 -12.61 -9.43
CA GLU B 48 16.83 -13.46 -8.95
C GLU B 48 15.52 -13.20 -9.67
N ASP B 49 15.36 -12.01 -10.28
CA ASP B 49 14.09 -11.63 -10.87
C ASP B 49 14.02 -11.81 -12.39
N MET B 50 15.16 -11.98 -13.08
CA MET B 50 15.20 -12.22 -14.53
C MET B 50 15.76 -13.61 -14.80
N LEU B 51 14.90 -14.52 -15.25
CA LEU B 51 15.24 -15.93 -15.43
C LEU B 51 15.12 -16.30 -16.91
N PHE B 52 16.22 -16.72 -17.50
CA PHE B 52 16.22 -17.11 -18.90
C PHE B 52 16.76 -18.54 -19.03
N SER B 53 16.78 -19.04 -20.26
CA SER B 53 17.30 -20.37 -20.53
C SER B 53 18.83 -20.37 -20.50
N GLU B 54 19.39 -21.53 -20.16
CA GLU B 54 20.85 -21.68 -20.09
C GLU B 54 21.52 -21.38 -21.43
N ASP B 55 20.75 -21.37 -22.52
CA ASP B 55 21.17 -21.00 -23.86
C ASP B 55 21.53 -19.52 -23.99
N ARG B 56 21.44 -18.72 -22.93
CA ARG B 56 21.71 -17.29 -23.00
C ARG B 56 22.77 -16.92 -21.96
N SER B 57 23.67 -16.03 -22.35
CA SER B 57 24.66 -15.52 -21.42
C SER B 57 24.02 -14.45 -20.53
N SER B 58 24.81 -13.96 -19.58
CA SER B 58 24.35 -12.89 -18.69
C SER B 58 24.19 -11.56 -19.41
N ALA B 59 24.46 -11.52 -20.71
CA ALA B 59 24.21 -10.34 -21.53
C ALA B 59 22.77 -10.25 -22.04
N TYR B 60 21.95 -11.25 -21.78
CA TYR B 60 20.61 -11.34 -22.37
C TYR B 60 19.80 -10.08 -22.14
N THR B 61 19.33 -9.49 -23.21
CA THR B 61 18.65 -8.20 -23.18
C THR B 61 17.37 -8.31 -24.00
N ILE B 62 16.31 -7.65 -23.52
CA ILE B 62 15.00 -7.69 -24.18
C ILE B 62 14.61 -6.25 -24.55
N ILE B 63 14.20 -6.04 -25.78
CA ILE B 63 13.82 -4.71 -26.24
C ILE B 63 12.39 -4.79 -26.74
N GLU B 64 11.50 -4.04 -26.08
CA GLU B 64 10.08 -4.04 -26.44
C GLU B 64 9.75 -2.68 -27.04
N ILE B 65 9.22 -2.67 -28.25
CA ILE B 65 8.94 -1.43 -28.97
C ILE B 65 7.45 -1.34 -29.21
N THR B 66 6.86 -0.21 -28.82
CA THR B 66 5.45 0.08 -29.07
C THR B 66 5.34 1.28 -30.00
N MET B 67 4.53 1.17 -31.04
CA MET B 67 4.37 2.28 -31.97
C MET B 67 2.97 2.24 -32.58
N MET B 68 2.60 3.33 -33.25
CA MET B 68 1.30 3.37 -33.91
C MET B 68 1.30 2.51 -35.16
N GLU B 69 0.16 1.87 -35.42
CA GLU B 69 0.00 1.09 -36.64
C GLU B 69 0.24 1.97 -37.85
N GLY B 70 0.69 1.37 -38.94
CA GLY B 70 0.82 2.15 -40.15
C GLY B 70 2.13 1.99 -40.88
N ARG B 71 3.19 1.58 -40.17
CA ARG B 71 4.46 1.36 -40.86
C ARG B 71 4.40 0.07 -41.66
N SER B 72 5.17 0.06 -42.76
CA SER B 72 5.30 -1.11 -43.60
C SER B 72 5.98 -2.26 -42.86
N LYS B 73 5.67 -3.47 -43.32
CA LYS B 73 6.36 -4.65 -42.81
C LYS B 73 7.85 -4.55 -43.09
N GLU B 74 8.22 -3.98 -44.23
CA GLU B 74 9.63 -3.92 -44.57
C GLU B 74 10.40 -2.94 -43.68
N ALA B 75 9.75 -1.84 -43.27
CA ALA B 75 10.45 -0.93 -42.35
C ALA B 75 10.62 -1.57 -40.98
N LYS B 76 9.58 -2.21 -40.46
CA LYS B 76 9.69 -2.90 -39.18
C LYS B 76 10.76 -3.99 -39.24
N LYS B 77 10.82 -4.75 -40.34
CA LYS B 77 11.84 -5.77 -40.48
C LYS B 77 13.24 -5.15 -40.56
N LYS B 78 13.36 -4.00 -41.23
CA LYS B 78 14.64 -3.29 -41.25
C LYS B 78 15.05 -2.86 -39.85
N LEU B 79 14.09 -2.36 -39.06
CA LEU B 79 14.42 -1.91 -37.71
C LEU B 79 15.00 -3.05 -36.88
N ILE B 80 14.40 -4.23 -36.99
CA ILE B 80 14.89 -5.40 -36.25
C ILE B 80 16.32 -5.73 -36.66
N ALA B 81 16.55 -5.89 -37.96
CA ALA B 81 17.87 -6.27 -38.46
C ALA B 81 18.94 -5.26 -38.08
N LEU B 82 18.63 -3.96 -38.19
CA LEU B 82 19.57 -2.93 -37.81
C LEU B 82 19.90 -3.00 -36.31
N LEU B 83 18.89 -3.25 -35.46
CA LEU B 83 19.14 -3.33 -34.03
C LEU B 83 20.08 -4.50 -33.73
N PHE B 84 19.86 -5.64 -34.38
CA PHE B 84 20.74 -6.79 -34.19
C PHE B 84 22.16 -6.44 -34.62
N LYS B 85 22.31 -5.89 -35.84
CA LYS B 85 23.62 -5.59 -36.37
C LYS B 85 24.37 -4.62 -35.47
N HIS B 86 23.76 -3.49 -35.13
CA HIS B 86 24.51 -2.42 -34.50
C HIS B 86 24.71 -2.63 -33.01
N ILE B 87 23.82 -3.39 -32.35
CA ILE B 87 24.09 -3.70 -30.95
C ILE B 87 25.18 -4.76 -30.84
N GLU B 88 25.21 -5.73 -31.75
CA GLU B 88 26.38 -6.59 -31.86
C GLU B 88 27.66 -5.75 -31.98
N GLU B 89 27.67 -4.84 -32.96
CA GLU B 89 28.88 -4.11 -33.31
C GLU B 89 29.27 -3.11 -32.22
N GLU B 90 28.29 -2.33 -31.73
CA GLU B 90 28.65 -1.24 -30.83
C GLU B 90 28.79 -1.71 -29.38
N LEU B 91 28.14 -2.79 -28.99
CA LEU B 91 28.06 -3.17 -27.58
C LEU B 91 28.53 -4.59 -27.29
N GLY B 92 28.78 -5.42 -28.30
CA GLY B 92 29.20 -6.79 -28.07
C GLY B 92 28.10 -7.76 -27.70
N ILE B 93 26.84 -7.35 -27.74
CA ILE B 93 25.75 -8.24 -27.39
C ILE B 93 25.42 -9.08 -28.62
N ALA B 94 25.72 -10.37 -28.56
CA ALA B 94 25.49 -11.27 -29.67
C ALA B 94 23.99 -11.45 -29.92
N GLY B 95 23.67 -11.93 -31.13
CA GLY B 95 22.27 -12.05 -31.53
C GLY B 95 21.51 -13.05 -30.69
N ASN B 96 22.18 -14.13 -30.27
CA ASN B 96 21.54 -15.11 -29.40
C ASN B 96 21.09 -14.47 -28.08
N ASP B 97 21.80 -13.44 -27.61
CA ASP B 97 21.54 -12.80 -26.34
C ASP B 97 20.66 -11.58 -26.46
N LEU B 98 20.05 -11.33 -27.63
CA LEU B 98 19.22 -10.16 -27.80
C LEU B 98 17.85 -10.57 -28.32
N GLU B 99 16.79 -10.04 -27.71
CA GLU B 99 15.43 -10.34 -28.11
C GLU B 99 14.68 -9.04 -28.34
N ILE B 100 13.90 -8.98 -29.43
CA ILE B 100 13.20 -7.75 -29.80
C ILE B 100 11.74 -8.04 -30.11
N PHE B 101 10.86 -7.16 -29.66
CA PHE B 101 9.43 -7.33 -29.82
C PHE B 101 8.81 -5.99 -30.17
N ILE B 102 8.08 -5.93 -31.29
CA ILE B 102 7.37 -4.74 -31.75
C ILE B 102 5.87 -4.91 -31.54
N GLN B 103 5.24 -3.89 -30.97
CA GLN B 103 3.81 -3.86 -30.74
C GLN B 103 3.18 -2.63 -31.38
N GLU B 104 2.04 -2.81 -32.03
CA GLU B 104 1.32 -1.74 -32.68
C GLU B 104 -0.08 -1.61 -32.11
N ALA B 105 -0.71 -0.48 -32.38
CA ALA B 105 -2.12 -0.26 -32.05
C ALA B 105 -2.64 0.86 -32.91
N PRO B 106 -3.96 0.92 -33.15
CA PRO B 106 -4.52 2.02 -33.94
C PRO B 106 -4.20 3.38 -33.32
N ALA B 107 -4.23 4.41 -34.17
CA ALA B 107 -3.84 5.76 -33.77
C ALA B 107 -4.76 6.32 -32.67
N TYR B 108 -6.07 6.07 -32.77
CA TYR B 108 -6.97 6.57 -31.73
C TYR B 108 -6.79 5.86 -30.39
N HIS B 109 -5.91 4.86 -30.30
CA HIS B 109 -5.53 4.23 -29.04
C HIS B 109 -4.47 5.02 -28.27
N PHE B 110 -3.95 6.10 -28.86
CA PHE B 110 -2.86 6.89 -28.30
C PHE B 110 -3.36 8.28 -27.94
N GLY B 111 -2.88 8.79 -26.81
CA GLY B 111 -3.01 10.19 -26.50
C GLY B 111 -1.64 10.80 -26.26
N PHE B 112 -1.36 11.96 -26.89
CA PHE B 112 -0.15 12.72 -26.60
C PHE B 112 -0.39 14.18 -26.98
N ARG B 113 0.29 15.08 -26.24
CA ARG B 113 0.25 16.53 -26.48
C ARG B 113 -1.18 17.06 -26.42
N GLY B 114 -2.05 16.39 -25.66
CA GLY B 114 -3.39 16.86 -25.39
C GLY B 114 -4.46 16.41 -26.35
N MET B 115 -4.11 15.66 -27.40
CA MET B 115 -5.04 15.20 -28.41
C MET B 115 -4.77 13.71 -28.69
N GLY B 116 -5.80 13.02 -29.18
CA GLY B 116 -5.60 11.64 -29.61
C GLY B 116 -4.68 11.52 -30.80
N GLY B 117 -4.20 10.30 -31.04
CA GLY B 117 -3.26 10.06 -32.12
C GLY B 117 -3.77 10.33 -33.52
N ASP B 118 -4.95 10.94 -33.64
CA ASP B 118 -5.58 11.21 -34.95
C ASP B 118 -5.41 12.66 -35.42
N PRO C 1 -9.91 -3.37 -17.30
CA PRO C 1 -8.83 -2.40 -17.50
C PRO C 1 -7.74 -2.50 -16.44
N GLN C 2 -6.60 -2.95 -16.92
CA GLN C 2 -5.34 -2.86 -16.19
C GLN C 2 -4.60 -1.59 -16.61
N VAL C 3 -4.13 -0.82 -15.62
CA VAL C 3 -3.42 0.43 -15.88
C VAL C 3 -2.02 0.35 -15.28
N LYS C 4 -1.03 0.72 -16.09
CA LYS C 4 0.35 0.90 -15.66
C LYS C 4 0.69 2.38 -15.82
N ILE C 5 1.32 2.96 -14.81
CA ILE C 5 1.67 4.38 -14.83
C ILE C 5 3.17 4.49 -14.58
N TYR C 6 3.86 5.22 -15.44
CA TYR C 6 5.31 5.39 -15.40
C TYR C 6 5.64 6.86 -15.28
N GLY C 7 6.63 7.21 -14.46
CA GLY C 7 7.05 8.59 -14.31
C GLY C 7 8.30 8.64 -13.44
N LEU C 8 8.94 9.81 -13.41
CA LEU C 8 10.13 9.94 -12.57
C LEU C 8 9.76 9.93 -11.11
N ASP C 9 10.53 9.18 -10.30
CA ASP C 9 10.13 8.94 -8.90
C ASP C 9 9.87 10.23 -8.13
N SER C 10 10.69 11.26 -8.34
CA SER C 10 10.53 12.43 -7.50
C SER C 10 9.24 13.18 -7.82
N HIS C 11 8.79 13.14 -9.08
CA HIS C 11 7.50 13.77 -9.40
C HIS C 11 6.30 12.85 -9.14
N LEU C 12 6.47 11.54 -9.33
CA LEU C 12 5.30 10.66 -9.35
C LEU C 12 4.88 10.21 -7.96
N ASN C 13 5.83 9.91 -7.07
CA ASN C 13 5.47 9.45 -5.73
C ASN C 13 4.56 10.42 -4.98
N PRO C 14 4.78 11.74 -4.98
CA PRO C 14 3.85 12.64 -4.26
C PRO C 14 2.49 12.78 -4.91
N GLN C 15 2.31 12.36 -6.16
CA GLN C 15 1.01 12.47 -6.81
C GLN C 15 0.29 11.14 -6.98
N LYS C 16 0.91 10.02 -6.59
CA LYS C 16 0.41 8.68 -6.86
C LYS C 16 -1.05 8.53 -6.44
N VAL C 17 -1.34 8.80 -5.17
CA VAL C 17 -2.68 8.51 -4.67
C VAL C 17 -3.71 9.34 -5.43
N ARG C 18 -3.42 10.62 -5.64
CA ARG C 18 -4.35 11.47 -6.37
C ARG C 18 -4.45 11.08 -7.85
N LEU C 19 -3.32 10.79 -8.49
CA LEU C 19 -3.37 10.40 -9.91
C LEU C 19 -4.22 9.15 -10.07
N SER C 20 -4.12 8.22 -9.13
CA SER C 20 -4.89 6.99 -9.20
C SER C 20 -6.38 7.27 -9.15
N GLU C 21 -6.80 8.11 -8.19
CA GLU C 21 -8.20 8.51 -8.07
C GLU C 21 -8.72 9.14 -9.37
N VAL C 22 -7.95 10.08 -9.93
CA VAL C 22 -8.38 10.76 -11.14
C VAL C 22 -8.49 9.77 -12.29
N ILE C 23 -7.51 8.88 -12.44
CA ILE C 23 -7.54 7.90 -13.53
C ILE C 23 -8.77 7.01 -13.40
N HIS C 24 -9.00 6.46 -12.21
CA HIS C 24 -10.14 5.58 -12.07
C HIS C 24 -11.46 6.31 -12.31
N ARG C 25 -11.60 7.54 -11.79
CA ARG C 25 -12.82 8.31 -12.07
C ARG C 25 -13.05 8.47 -13.56
N CYS C 26 -11.99 8.69 -14.33
CA CYS C 26 -12.18 8.81 -15.77
C CYS C 26 -12.55 7.47 -16.39
N VAL C 27 -11.87 6.41 -15.99
CA VAL C 27 -12.20 5.09 -16.53
C VAL C 27 -13.67 4.78 -16.28
N VAL C 28 -14.15 5.05 -15.07
CA VAL C 28 -15.53 4.72 -14.72
C VAL C 28 -16.50 5.56 -15.53
N GLU C 29 -16.19 6.84 -15.71
CA GLU C 29 -17.10 7.70 -16.46
C GLU C 29 -17.09 7.35 -17.95
N ALA C 30 -15.90 7.11 -18.54
CA ALA C 30 -15.88 6.92 -19.98
C ALA C 30 -16.32 5.51 -20.37
N LEU C 31 -15.89 4.49 -19.63
CA LEU C 31 -16.15 3.10 -19.99
C LEU C 31 -17.25 2.44 -19.15
N GLN C 32 -17.89 3.17 -18.24
CA GLN C 32 -18.96 2.62 -17.40
C GLN C 32 -18.53 1.33 -16.69
N PHE C 33 -17.35 1.35 -16.16
CA PHE C 33 -16.69 0.24 -15.49
C PHE C 33 -16.87 0.36 -13.98
N PRO C 34 -17.02 -0.77 -13.27
CA PRO C 34 -17.40 -0.72 -11.86
C PRO C 34 -16.44 0.11 -11.00
N LYS C 35 -17.04 0.94 -10.12
CA LYS C 35 -16.27 1.77 -9.20
C LYS C 35 -15.27 0.97 -8.36
N ASN C 36 -15.55 -0.32 -8.15
CA ASN C 36 -14.80 -1.17 -7.24
C ASN C 36 -13.47 -1.64 -7.82
N LYS C 37 -13.38 -1.77 -9.15
CA LYS C 37 -12.28 -2.52 -9.76
C LYS C 37 -11.22 -1.57 -10.29
N ARG C 38 -10.49 -0.96 -9.35
CA ARG C 38 -9.34 -0.13 -9.68
C ARG C 38 -8.11 -1.04 -9.66
N PHE C 39 -7.48 -1.23 -10.83
CA PHE C 39 -6.28 -2.06 -10.94
C PHE C 39 -5.13 -1.23 -11.55
N HIS C 40 -4.34 -0.59 -10.68
CA HIS C 40 -3.27 0.33 -11.08
C HIS C 40 -1.93 -0.19 -10.58
N ARG C 41 -0.92 -0.12 -11.46
CA ARG C 41 0.47 -0.45 -11.13
C ARG C 41 1.35 0.74 -11.46
N PHE C 42 2.01 1.32 -10.44
CA PHE C 42 2.86 2.49 -10.58
C PHE C 42 4.33 2.09 -10.60
N PHE C 43 5.10 2.76 -11.48
CA PHE C 43 6.52 2.50 -11.69
C PHE C 43 7.25 3.84 -11.60
N PRO C 44 7.53 4.32 -10.39
CA PRO C 44 8.37 5.51 -10.24
C PRO C 44 9.81 5.17 -10.59
N MET C 45 10.35 5.80 -11.61
CA MET C 45 11.64 5.44 -12.14
C MET C 45 12.67 6.54 -11.86
N LYS C 46 13.93 6.13 -11.83
CA LYS C 46 15.01 7.11 -11.71
C LYS C 46 15.22 7.84 -13.04
N ALA C 47 15.84 9.02 -12.95
CA ALA C 47 16.11 9.83 -14.13
C ALA C 47 17.03 9.13 -15.11
N GLU C 48 17.98 8.33 -14.63
CA GLU C 48 18.87 7.59 -15.51
C GLU C 48 18.14 6.53 -16.31
N ASP C 49 16.94 6.13 -15.88
CA ASP C 49 16.23 4.96 -16.39
C ASP C 49 15.07 5.31 -17.29
N MET C 50 14.45 6.47 -17.09
CA MET C 50 13.31 6.92 -17.87
C MET C 50 13.75 8.14 -18.68
N LEU C 51 14.01 7.96 -19.97
CA LEU C 51 14.52 9.03 -20.82
C LEU C 51 13.47 9.46 -21.84
N PHE C 52 13.38 10.78 -22.03
CA PHE C 52 12.39 11.38 -22.90
C PHE C 52 13.04 12.60 -23.57
N SER C 53 12.30 13.23 -24.47
CA SER C 53 12.87 14.31 -25.27
C SER C 53 13.06 15.56 -24.42
N GLU C 54 14.03 16.40 -24.84
CA GLU C 54 14.25 17.69 -24.20
C GLU C 54 12.96 18.50 -24.15
N ASP C 55 12.04 18.22 -25.06
CA ASP C 55 10.76 18.89 -25.14
C ASP C 55 9.93 18.78 -23.87
N ARG C 56 10.12 17.73 -23.08
CA ARG C 56 9.24 17.47 -21.96
C ARG C 56 9.88 17.83 -20.63
N SER C 57 9.03 18.12 -19.65
CA SER C 57 9.52 18.45 -18.32
C SER C 57 9.65 17.18 -17.48
N SER C 58 10.16 17.35 -16.26
CA SER C 58 10.34 16.23 -15.34
C SER C 58 9.03 15.58 -14.92
N ALA C 59 7.89 16.20 -15.23
CA ALA C 59 6.58 15.68 -14.91
C ALA C 59 6.07 14.67 -15.95
N TYR C 60 6.91 14.29 -16.93
CA TYR C 60 6.48 13.47 -18.05
C TYR C 60 5.99 12.11 -17.53
N THR C 61 4.77 11.76 -17.92
CA THR C 61 4.04 10.63 -17.35
C THR C 61 3.43 9.79 -18.47
N ILE C 62 3.58 8.47 -18.38
CA ILE C 62 3.03 7.53 -19.35
C ILE C 62 1.95 6.71 -18.66
N ILE C 63 0.79 6.59 -19.29
CA ILE C 63 -0.33 5.81 -18.77
C ILE C 63 -0.69 4.74 -19.80
N GLU C 64 -0.48 3.46 -19.47
CA GLU C 64 -0.76 2.34 -20.35
C GLU C 64 -2.02 1.63 -19.86
N ILE C 65 -3.04 1.56 -20.71
CA ILE C 65 -4.30 0.92 -20.33
C ILE C 65 -4.46 -0.33 -21.20
N THR C 66 -4.65 -1.48 -20.55
CA THR C 66 -4.94 -2.72 -21.25
C THR C 66 -6.36 -3.17 -20.90
N MET C 67 -7.13 -3.58 -21.92
CA MET C 67 -8.48 -4.08 -21.69
C MET C 67 -8.92 -4.99 -22.82
N MET C 68 -10.01 -5.71 -22.54
CA MET C 68 -10.65 -6.61 -23.48
C MET C 68 -11.20 -5.84 -24.67
N GLU C 69 -11.03 -6.42 -25.86
CA GLU C 69 -11.63 -5.99 -27.12
C GLU C 69 -13.11 -5.65 -26.95
N GLY C 70 -13.65 -4.71 -27.71
CA GLY C 70 -15.10 -4.56 -27.74
C GLY C 70 -15.66 -3.20 -27.35
N ARG C 71 -14.88 -2.31 -26.74
CA ARG C 71 -15.41 -0.96 -26.55
C ARG C 71 -15.28 -0.16 -27.85
N SER C 72 -16.16 0.83 -28.00
CA SER C 72 -16.27 1.58 -29.22
C SER C 72 -15.10 2.56 -29.38
N LYS C 73 -14.85 2.95 -30.63
CA LYS C 73 -13.88 4.01 -30.89
C LYS C 73 -14.23 5.27 -30.10
N GLU C 74 -15.53 5.63 -30.10
CA GLU C 74 -15.99 6.82 -29.38
C GLU C 74 -15.67 6.74 -27.90
N ALA C 75 -15.85 5.58 -27.28
CA ALA C 75 -15.64 5.48 -25.82
C ALA C 75 -14.17 5.61 -25.47
N LYS C 76 -13.27 5.03 -26.28
CA LYS C 76 -11.85 5.13 -26.01
C LYS C 76 -11.38 6.57 -26.18
N LYS C 77 -11.73 7.20 -27.30
CA LYS C 77 -11.40 8.61 -27.52
C LYS C 77 -11.87 9.47 -26.36
N LYS C 78 -13.05 9.16 -25.82
CA LYS C 78 -13.55 9.92 -24.69
C LYS C 78 -12.70 9.66 -23.43
N LEU C 79 -12.28 8.41 -23.21
CA LEU C 79 -11.37 8.15 -22.10
C LEU C 79 -10.11 9.01 -22.21
N ILE C 80 -9.47 9.02 -23.38
CA ILE C 80 -8.25 9.82 -23.58
C ILE C 80 -8.53 11.27 -23.23
N ALA C 81 -9.59 11.84 -23.82
CA ALA C 81 -9.88 13.26 -23.62
C ALA C 81 -10.20 13.57 -22.17
N LEU C 82 -10.98 12.71 -21.49
CA LEU C 82 -11.21 12.92 -20.07
C LEU C 82 -9.89 12.94 -19.29
N LEU C 83 -8.99 11.99 -19.59
CA LEU C 83 -7.76 11.86 -18.78
C LEU C 83 -6.85 13.08 -18.95
N PHE C 84 -6.69 13.56 -20.19
CA PHE C 84 -5.94 14.81 -20.42
C PHE C 84 -6.57 15.98 -19.67
N LYS C 85 -7.89 16.10 -19.73
CA LYS C 85 -8.59 17.24 -19.14
C LYS C 85 -8.53 17.20 -17.61
N HIS C 86 -8.78 16.04 -16.99
CA HIS C 86 -8.80 16.02 -15.53
C HIS C 86 -7.42 15.88 -14.92
N ILE C 87 -6.45 15.29 -15.62
CA ILE C 87 -5.13 15.23 -15.00
C ILE C 87 -4.49 16.61 -15.00
N GLU C 88 -4.69 17.39 -16.07
CA GLU C 88 -4.20 18.77 -16.06
C GLU C 88 -4.92 19.60 -14.99
N GLU C 89 -6.26 19.58 -15.01
CA GLU C 89 -7.02 20.37 -14.05
C GLU C 89 -6.74 19.96 -12.60
N GLU C 90 -6.63 18.65 -12.35
CA GLU C 90 -6.56 18.18 -10.96
C GLU C 90 -5.14 18.00 -10.47
N LEU C 91 -4.18 17.69 -11.34
CA LEU C 91 -2.82 17.44 -10.92
C LEU C 91 -1.80 18.36 -11.58
N GLY C 92 -2.21 19.20 -12.52
CA GLY C 92 -1.29 20.14 -13.13
C GLY C 92 -0.32 19.56 -14.14
N ILE C 93 -0.46 18.30 -14.53
CA ILE C 93 0.43 17.75 -15.55
C ILE C 93 -0.12 18.16 -16.91
N ALA C 94 0.65 18.97 -17.64
CA ALA C 94 0.16 19.55 -18.88
C ALA C 94 0.05 18.47 -19.95
N GLY C 95 -0.72 18.80 -21.00
CA GLY C 95 -0.93 17.86 -22.09
C GLY C 95 0.37 17.39 -22.73
N ASN C 96 1.36 18.27 -22.82
CA ASN C 96 2.61 17.87 -23.44
C ASN C 96 3.37 16.84 -22.59
N ASP C 97 3.20 16.87 -21.27
CA ASP C 97 3.89 15.99 -20.35
C ASP C 97 3.14 14.68 -20.10
N LEU C 98 2.07 14.42 -20.82
CA LEU C 98 1.24 13.25 -20.53
C LEU C 98 1.06 12.45 -21.81
N GLU C 99 1.31 11.15 -21.72
CA GLU C 99 1.17 10.22 -22.82
C GLU C 99 0.25 9.08 -22.42
N ILE C 100 -0.69 8.70 -23.29
CA ILE C 100 -1.67 7.67 -22.99
C ILE C 100 -1.69 6.65 -24.12
N PHE C 101 -1.69 5.36 -23.75
CA PHE C 101 -1.64 4.26 -24.70
C PHE C 101 -2.68 3.23 -24.28
N ILE C 102 -3.63 2.89 -25.16
CA ILE C 102 -4.61 1.82 -24.90
C ILE C 102 -4.23 0.59 -25.71
N GLN C 103 -4.23 -0.56 -25.05
CA GLN C 103 -4.02 -1.85 -25.71
C GLN C 103 -5.21 -2.79 -25.48
N GLU C 104 -5.63 -3.47 -26.54
CA GLU C 104 -6.72 -4.46 -26.54
C GLU C 104 -6.25 -5.84 -26.94
N ALA C 105 -7.03 -6.84 -26.56
CA ALA C 105 -6.82 -8.20 -27.06
C ALA C 105 -8.15 -8.96 -26.97
N PRO C 106 -8.31 -10.04 -27.74
CA PRO C 106 -9.55 -10.82 -27.66
C PRO C 106 -9.81 -11.35 -26.26
N ALA C 107 -11.10 -11.58 -25.98
CA ALA C 107 -11.51 -11.95 -24.63
C ALA C 107 -10.84 -13.23 -24.15
N TYR C 108 -10.61 -14.20 -25.05
CA TYR C 108 -9.96 -15.45 -24.66
C TYR C 108 -8.45 -15.31 -24.45
N HIS C 109 -7.87 -14.13 -24.64
CA HIS C 109 -6.48 -13.91 -24.22
C HIS C 109 -6.38 -13.56 -22.72
N PHE C 110 -7.49 -13.43 -22.01
CA PHE C 110 -7.51 -13.01 -20.61
C PHE C 110 -7.98 -14.15 -19.72
N GLY C 111 -7.46 -14.18 -18.50
CA GLY C 111 -8.01 -15.03 -17.47
C GLY C 111 -8.19 -14.28 -16.16
N PHE C 112 -9.34 -14.46 -15.51
CA PHE C 112 -9.54 -13.86 -14.19
C PHE C 112 -10.70 -14.58 -13.52
N ARG C 113 -10.69 -14.53 -12.19
CA ARG C 113 -11.77 -15.11 -11.38
C ARG C 113 -11.94 -16.59 -11.67
N GLY C 114 -10.85 -17.25 -12.09
CA GLY C 114 -10.83 -18.67 -12.30
C GLY C 114 -11.19 -19.14 -13.70
N MET C 115 -11.49 -18.24 -14.64
CA MET C 115 -11.95 -18.68 -15.95
C MET C 115 -11.45 -17.73 -17.04
N GLY C 116 -11.70 -18.13 -18.30
CA GLY C 116 -11.32 -17.30 -19.43
C GLY C 116 -12.21 -16.09 -19.59
N GLY C 117 -11.69 -15.09 -20.30
CA GLY C 117 -12.44 -13.84 -20.48
C GLY C 117 -13.61 -13.95 -21.43
N ASP C 118 -13.65 -15.00 -22.27
CA ASP C 118 -14.74 -15.18 -23.24
C ASP C 118 -15.92 -15.94 -22.65
N GLU C 119 -16.02 -16.02 -21.32
CA GLU C 119 -17.09 -16.77 -20.65
C GLU C 119 -17.97 -15.88 -19.78
N PRO D 1 -10.86 15.83 28.25
CA PRO D 1 -10.20 14.59 27.83
C PRO D 1 -10.49 14.19 26.38
N GLN D 2 -9.59 13.41 25.83
CA GLN D 2 -9.79 12.68 24.58
C GLN D 2 -10.38 11.32 24.92
N VAL D 3 -11.45 10.93 24.21
CA VAL D 3 -12.13 9.66 24.46
C VAL D 3 -12.21 8.87 23.16
N LYS D 4 -11.83 7.62 23.21
CA LYS D 4 -12.02 6.67 22.10
C LYS D 4 -12.94 5.56 22.59
N ILE D 5 -13.95 5.21 21.79
CA ILE D 5 -14.94 4.18 22.14
C ILE D 5 -14.95 3.13 21.04
N TYR D 6 -14.78 1.88 21.43
CA TYR D 6 -14.73 0.75 20.50
C TYR D 6 -15.83 -0.22 20.87
N GLY D 7 -16.49 -0.78 19.87
CA GLY D 7 -17.56 -1.74 20.12
C GLY D 7 -17.98 -2.36 18.81
N LEU D 8 -18.75 -3.44 18.92
CA LEU D 8 -19.24 -4.10 17.71
C LEU D 8 -20.26 -3.20 17.04
N ASP D 9 -20.10 -2.99 15.72
CA ASP D 9 -20.91 -2.02 15.00
C ASP D 9 -22.41 -2.23 15.20
N SER D 10 -22.87 -3.48 15.18
CA SER D 10 -24.30 -3.75 15.32
C SER D 10 -24.81 -3.24 16.67
N HIS D 11 -24.02 -3.39 17.72
CA HIS D 11 -24.43 -2.89 19.02
C HIS D 11 -24.13 -1.40 19.19
N LEU D 12 -22.94 -0.96 18.75
CA LEU D 12 -22.47 0.39 19.03
C LEU D 12 -23.17 1.47 18.20
N ASN D 13 -23.45 1.20 16.93
CA ASN D 13 -24.02 2.23 16.07
C ASN D 13 -25.38 2.75 16.54
N PRO D 14 -26.34 1.92 16.98
CA PRO D 14 -27.58 2.50 17.52
C PRO D 14 -27.38 3.36 18.76
N GLN D 15 -26.30 3.14 19.52
CA GLN D 15 -26.18 3.73 20.85
C GLN D 15 -25.19 4.89 20.92
N LYS D 16 -24.47 5.23 19.85
CA LYS D 16 -23.31 6.09 20.07
C LYS D 16 -23.71 7.52 20.41
N VAL D 17 -24.86 7.99 19.92
CA VAL D 17 -25.29 9.35 20.28
C VAL D 17 -25.58 9.46 21.78
N ARG D 18 -26.28 8.48 22.37
CA ARG D 18 -26.59 8.61 23.80
C ARG D 18 -25.41 8.19 24.68
N LEU D 19 -24.63 7.20 24.25
CA LEU D 19 -23.37 6.88 24.92
C LEU D 19 -22.46 8.11 24.99
N SER D 20 -22.39 8.89 23.90
CA SER D 20 -21.61 10.13 23.92
C SER D 20 -22.15 11.09 24.97
N GLU D 21 -23.48 11.25 25.06
CA GLU D 21 -24.04 12.11 26.10
C GLU D 21 -23.74 11.57 27.49
N VAL D 22 -23.93 10.27 27.70
CA VAL D 22 -23.68 9.70 29.03
C VAL D 22 -22.21 9.83 29.41
N ILE D 23 -21.30 9.55 28.47
CA ILE D 23 -19.88 9.70 28.77
C ILE D 23 -19.56 11.13 29.18
N HIS D 24 -20.01 12.11 28.38
CA HIS D 24 -19.68 13.49 28.69
C HIS D 24 -20.27 13.96 30.01
N ARG D 25 -21.47 13.46 30.36
CA ARG D 25 -22.03 13.77 31.68
C ARG D 25 -21.10 13.28 32.79
N CYS D 26 -20.61 12.05 32.68
CA CYS D 26 -19.69 11.52 33.68
C CYS D 26 -18.38 12.31 33.72
N VAL D 27 -17.88 12.72 32.56
CA VAL D 27 -16.62 13.47 32.53
C VAL D 27 -16.80 14.83 33.20
N VAL D 28 -17.89 15.53 32.87
CA VAL D 28 -18.18 16.83 33.47
C VAL D 28 -18.33 16.69 34.98
N GLU D 29 -19.01 15.63 35.42
CA GLU D 29 -19.28 15.42 36.85
C GLU D 29 -18.00 15.11 37.61
N ALA D 30 -17.22 14.14 37.13
CA ALA D 30 -16.08 13.68 37.92
C ALA D 30 -14.88 14.63 37.87
N LEU D 31 -14.74 15.43 36.79
CA LEU D 31 -13.55 16.23 36.56
C LEU D 31 -13.81 17.74 36.52
N GLN D 32 -14.96 18.21 37.00
CA GLN D 32 -15.28 19.65 37.04
C GLN D 32 -14.95 20.31 35.71
N PHE D 33 -15.51 19.77 34.64
CA PHE D 33 -14.97 20.03 33.33
C PHE D 33 -15.89 20.91 32.50
N PRO D 34 -15.30 21.76 31.65
CA PRO D 34 -16.11 22.53 30.69
C PRO D 34 -17.09 21.66 29.91
N LYS D 35 -18.36 22.04 29.94
CA LYS D 35 -19.46 21.29 29.34
C LYS D 35 -19.60 21.55 27.84
N ASN D 36 -18.66 22.30 27.26
CA ASN D 36 -18.56 22.49 25.82
C ASN D 36 -17.40 21.71 25.21
N LYS D 37 -16.68 20.94 26.02
CA LYS D 37 -15.42 20.35 25.62
C LYS D 37 -15.58 18.83 25.55
N ARG D 38 -16.34 18.38 24.54
CA ARG D 38 -16.60 16.96 24.30
C ARG D 38 -15.80 16.52 23.07
N PHE D 39 -14.83 15.63 23.28
CA PHE D 39 -13.98 15.11 22.20
C PHE D 39 -14.06 13.58 22.20
N HIS D 40 -14.94 13.03 21.35
CA HIS D 40 -15.22 11.60 21.33
C HIS D 40 -14.95 11.04 19.94
N ARG D 41 -14.30 9.89 19.89
CA ARG D 41 -14.06 9.20 18.63
C ARG D 41 -14.59 7.78 18.73
N PHE D 42 -15.49 7.42 17.82
CA PHE D 42 -16.16 6.13 17.82
C PHE D 42 -15.61 5.22 16.73
N PHE D 43 -15.41 3.96 17.10
CA PHE D 43 -14.85 2.95 16.23
C PHE D 43 -15.82 1.76 16.27
N PRO D 44 -16.87 1.82 15.47
CA PRO D 44 -17.74 0.64 15.30
C PRO D 44 -17.00 -0.41 14.50
N MET D 45 -16.85 -1.59 15.07
CA MET D 45 -16.01 -2.59 14.43
C MET D 45 -16.80 -3.84 14.03
N LYS D 46 -16.33 -4.47 12.97
CA LYS D 46 -16.86 -5.74 12.51
C LYS D 46 -16.60 -6.83 13.54
N ALA D 47 -17.55 -7.78 13.62
CA ALA D 47 -17.41 -8.90 14.53
C ALA D 47 -16.17 -9.73 14.25
N GLU D 48 -15.65 -9.69 13.01
CA GLU D 48 -14.41 -10.38 12.69
C GLU D 48 -13.17 -9.62 13.15
N ASP D 49 -13.32 -8.32 13.43
CA ASP D 49 -12.16 -7.51 13.80
C ASP D 49 -12.07 -7.28 15.31
N MET D 50 -13.15 -7.48 16.07
CA MET D 50 -13.17 -7.24 17.51
C MET D 50 -13.45 -8.57 18.21
N LEU D 51 -12.41 -9.24 18.71
CA LEU D 51 -12.54 -10.53 19.37
C LEU D 51 -12.40 -10.40 20.88
N PHE D 52 -13.27 -11.09 21.62
CA PHE D 52 -13.21 -10.93 23.06
C PHE D 52 -13.58 -12.26 23.73
N SER D 53 -13.49 -12.27 25.06
CA SER D 53 -13.73 -13.46 25.84
C SER D 53 -15.16 -13.94 25.64
N GLU D 54 -15.35 -15.26 25.65
CA GLU D 54 -16.67 -15.80 25.32
C GLU D 54 -17.69 -15.54 26.42
N ASP D 55 -17.25 -15.27 27.65
CA ASP D 55 -18.22 -14.91 28.67
C ASP D 55 -18.72 -13.47 28.53
N ARG D 56 -18.14 -12.66 27.65
CA ARG D 56 -18.70 -11.35 27.36
C ARG D 56 -19.71 -11.44 26.22
N SER D 57 -20.65 -10.49 26.22
CA SER D 57 -21.70 -10.44 25.24
C SER D 57 -21.28 -9.58 24.06
N SER D 58 -22.18 -9.41 23.09
CA SER D 58 -21.87 -8.55 21.95
C SER D 58 -22.06 -7.06 22.27
N ALA D 59 -22.49 -6.71 23.49
CA ALA D 59 -22.50 -5.31 23.90
C ALA D 59 -21.14 -4.85 24.42
N TYR D 60 -20.11 -5.69 24.32
CA TYR D 60 -18.81 -5.40 24.90
C TYR D 60 -18.24 -4.12 24.32
N THR D 61 -17.90 -3.19 25.21
CA THR D 61 -17.46 -1.87 24.82
C THR D 61 -16.20 -1.49 25.59
N ILE D 62 -15.24 -0.90 24.87
CA ILE D 62 -14.01 -0.40 25.46
C ILE D 62 -14.02 1.12 25.37
N ILE D 63 -13.75 1.80 26.49
CA ILE D 63 -13.62 3.25 26.53
C ILE D 63 -12.18 3.60 26.93
N GLU D 64 -11.50 4.38 26.08
CA GLU D 64 -10.12 4.81 26.32
C GLU D 64 -10.11 6.32 26.49
N ILE D 65 -9.63 6.77 27.65
CA ILE D 65 -9.62 8.18 28.01
C ILE D 65 -8.17 8.64 28.10
N THR D 66 -7.82 9.67 27.34
CA THR D 66 -6.51 10.31 27.43
C THR D 66 -6.65 11.70 28.04
N MET D 67 -5.78 12.02 29.01
CA MET D 67 -5.88 13.28 29.73
C MET D 67 -4.50 13.69 30.27
N MET D 68 -4.31 15.00 30.44
CA MET D 68 -3.09 15.53 31.04
C MET D 68 -2.87 14.97 32.44
N GLU D 69 -1.61 14.74 32.81
CA GLU D 69 -1.38 14.33 34.20
C GLU D 69 -1.81 15.46 35.13
N GLY D 70 -2.11 15.10 36.38
CA GLY D 70 -2.44 16.14 37.33
C GLY D 70 -3.69 15.92 38.13
N ARG D 71 -4.61 15.11 37.60
CA ARG D 71 -5.81 14.76 38.36
C ARG D 71 -5.49 13.77 39.46
N SER D 72 -6.23 13.88 40.55
CA SER D 72 -6.06 13.03 41.71
C SER D 72 -6.60 11.63 41.43
N LYS D 73 -6.11 10.68 42.24
CA LYS D 73 -6.55 9.30 42.15
C LYS D 73 -8.04 9.18 42.42
N GLU D 74 -8.53 9.87 43.45
CA GLU D 74 -9.94 9.84 43.78
C GLU D 74 -10.81 10.35 42.64
N ALA D 75 -10.37 11.42 41.96
CA ALA D 75 -11.14 11.93 40.83
C ALA D 75 -11.22 10.90 39.71
N LYS D 76 -10.10 10.24 39.41
CA LYS D 76 -10.09 9.28 38.31
C LYS D 76 -10.93 8.06 38.64
N LYS D 77 -10.88 7.61 39.90
CA LYS D 77 -11.68 6.46 40.29
C LYS D 77 -13.17 6.80 40.32
N LYS D 78 -13.50 8.05 40.66
CA LYS D 78 -14.88 8.51 40.57
C LYS D 78 -15.36 8.53 39.13
N LEU D 79 -14.51 9.00 38.20
CA LEU D 79 -14.87 8.94 36.78
C LEU D 79 -15.21 7.52 36.35
N ILE D 80 -14.37 6.55 36.73
CA ILE D 80 -14.60 5.17 36.35
C ILE D 80 -15.91 4.66 36.97
N ALA D 81 -16.11 4.94 38.26
CA ALA D 81 -17.33 4.50 38.92
C ALA D 81 -18.55 5.05 38.19
N LEU D 82 -18.59 6.37 38.00
CA LEU D 82 -19.74 7.01 37.36
C LEU D 82 -20.02 6.42 35.99
N LEU D 83 -18.96 6.06 35.24
CA LEU D 83 -19.18 5.53 33.90
C LEU D 83 -19.86 4.17 33.97
N PHE D 84 -19.39 3.28 34.85
CA PHE D 84 -20.04 1.98 35.02
C PHE D 84 -21.52 2.14 35.42
N LYS D 85 -21.79 2.92 36.48
CA LYS D 85 -23.18 3.13 36.92
C LYS D 85 -24.05 3.63 35.78
N HIS D 86 -23.72 4.80 35.25
CA HIS D 86 -24.63 5.50 34.34
C HIS D 86 -24.73 4.82 32.99
N ILE D 87 -23.68 4.14 32.54
CA ILE D 87 -23.80 3.45 31.26
C ILE D 87 -24.66 2.20 31.42
N GLU D 88 -24.56 1.53 32.55
CA GLU D 88 -25.45 0.38 32.73
C GLU D 88 -26.89 0.82 32.93
N GLU D 89 -27.12 1.99 33.54
CA GLU D 89 -28.48 2.47 33.75
C GLU D 89 -29.11 2.96 32.44
N GLU D 90 -28.37 3.75 31.67
CA GLU D 90 -28.96 4.39 30.49
C GLU D 90 -28.95 3.50 29.26
N LEU D 91 -27.89 2.71 29.07
CA LEU D 91 -27.71 1.88 27.89
C LEU D 91 -27.82 0.38 28.17
N GLY D 92 -27.86 -0.04 29.43
CA GLY D 92 -27.96 -1.45 29.73
C GLY D 92 -26.72 -2.29 29.49
N ILE D 93 -25.54 -1.69 29.45
CA ILE D 93 -24.30 -2.43 29.22
C ILE D 93 -23.77 -2.82 30.60
N ALA D 94 -23.79 -4.12 30.92
CA ALA D 94 -23.43 -4.52 32.28
C ALA D 94 -21.95 -4.28 32.53
N GLY D 95 -21.58 -4.37 33.80
CA GLY D 95 -20.18 -4.19 34.16
C GLY D 95 -19.25 -5.11 33.40
N ASN D 96 -19.62 -6.39 33.29
CA ASN D 96 -18.74 -7.35 32.61
C ASN D 96 -18.49 -6.97 31.15
N ASP D 97 -19.42 -6.25 30.54
CA ASP D 97 -19.32 -5.89 29.14
C ASP D 97 -18.70 -4.51 28.93
N LEU D 98 -18.22 -3.87 29.99
CA LEU D 98 -17.67 -2.51 29.87
C LEU D 98 -16.25 -2.50 30.39
N GLU D 99 -15.34 -1.95 29.58
CA GLU D 99 -13.93 -1.85 29.91
C GLU D 99 -13.50 -0.40 29.79
N ILE D 100 -12.81 0.15 30.81
CA ILE D 100 -12.38 1.54 30.78
C ILE D 100 -10.89 1.64 31.12
N PHE D 101 -10.20 2.52 30.40
CA PHE D 101 -8.75 2.66 30.49
C PHE D 101 -8.42 4.14 30.44
N ILE D 102 -7.70 4.63 31.45
CA ILE D 102 -7.24 6.03 31.49
C ILE D 102 -5.74 6.05 31.25
N GLN D 103 -5.31 6.96 30.38
CA GLN D 103 -3.92 7.18 30.04
C GLN D 103 -3.55 8.66 30.26
N GLU D 104 -2.47 8.90 30.98
CA GLU D 104 -2.00 10.24 31.29
C GLU D 104 -0.60 10.45 30.73
N ALA D 105 -0.19 11.71 30.61
CA ALA D 105 1.16 12.06 30.20
C ALA D 105 1.48 13.45 30.73
N PRO D 106 2.77 13.81 30.84
CA PRO D 106 3.12 15.17 31.25
C PRO D 106 2.49 16.21 30.33
N ALA D 107 2.21 17.39 30.90
CA ALA D 107 1.49 18.42 30.15
C ALA D 107 2.29 18.95 28.97
N TYR D 108 3.62 18.89 29.01
CA TYR D 108 4.39 19.28 27.84
C TYR D 108 4.38 18.23 26.75
N HIS D 109 3.67 17.11 26.94
CA HIS D 109 3.46 16.14 25.86
C HIS D 109 2.26 16.51 25.00
N PHE D 110 1.53 17.56 25.36
CA PHE D 110 0.30 17.96 24.67
C PHE D 110 0.48 19.29 23.94
N GLY D 111 -0.28 19.46 22.85
CA GLY D 111 -0.43 20.74 22.17
C GLY D 111 -1.88 21.02 21.83
N PHE D 112 -2.42 22.19 22.22
CA PHE D 112 -3.86 22.42 22.21
C PHE D 112 -4.28 23.48 21.19
N ARG D 113 -3.97 24.75 21.43
CA ARG D 113 -4.39 25.75 20.46
C ARG D 113 -3.20 26.57 19.99
N GLY D 114 -2.20 25.89 19.44
CA GLY D 114 -0.94 26.51 19.11
C GLY D 114 0.04 26.57 20.27
N MET D 115 -0.35 26.12 21.45
CA MET D 115 0.48 26.18 22.64
C MET D 115 0.63 24.78 23.24
N GLY D 116 1.78 24.55 23.87
CA GLY D 116 1.95 23.36 24.68
C GLY D 116 1.06 23.37 25.91
N GLY D 117 0.78 22.16 26.42
CA GLY D 117 -0.05 22.02 27.61
C GLY D 117 0.56 22.63 28.86
N ASP D 118 1.89 22.79 28.88
CA ASP D 118 2.53 23.41 30.04
C ASP D 118 2.43 24.93 30.03
N GLU D 119 1.88 25.54 28.98
CA GLU D 119 1.73 26.99 28.93
C GLU D 119 0.28 27.38 28.67
N PRO E 1 9.58 7.18 16.19
CA PRO E 1 8.23 7.76 16.32
C PRO E 1 7.21 7.07 15.42
N GLN E 2 6.15 6.59 16.04
CA GLN E 2 4.98 6.09 15.33
C GLN E 2 3.90 7.14 15.44
N VAL E 3 3.33 7.54 14.29
CA VAL E 3 2.33 8.61 14.25
C VAL E 3 0.99 8.05 13.80
N LYS E 4 -0.07 8.42 14.52
CA LYS E 4 -1.44 8.18 14.13
C LYS E 4 -2.11 9.54 13.99
N ILE E 5 -2.90 9.69 12.94
CA ILE E 5 -3.52 10.97 12.59
C ILE E 5 -5.00 10.75 12.40
N TYR E 6 -5.82 11.55 13.07
CA TYR E 6 -7.27 11.41 13.02
C TYR E 6 -7.90 12.70 12.50
N GLY E 7 -8.88 12.57 11.63
CA GLY E 7 -9.67 13.72 11.22
C GLY E 7 -10.87 13.28 10.42
N LEU E 8 -11.79 14.21 10.21
CA LEU E 8 -12.98 13.88 9.44
C LEU E 8 -12.57 13.57 8.01
N ASP E 9 -13.19 12.54 7.44
CA ASP E 9 -12.78 12.04 6.12
C ASP E 9 -12.75 13.14 5.06
N SER E 10 -13.78 14.00 5.01
CA SER E 10 -13.86 14.98 3.91
C SER E 10 -12.76 16.05 3.98
N HIS E 11 -12.19 16.31 5.16
CA HIS E 11 -11.07 17.22 5.27
C HIS E 11 -9.73 16.49 5.19
N LEU E 12 -9.62 15.33 5.83
CA LEU E 12 -8.31 14.68 5.98
C LEU E 12 -7.87 14.01 4.68
N ASN E 13 -8.78 13.34 3.98
CA ASN E 13 -8.37 12.57 2.80
C ASN E 13 -7.70 13.44 1.74
N PRO E 14 -8.22 14.61 1.35
CA PRO E 14 -7.47 15.45 0.40
C PRO E 14 -6.13 15.93 0.92
N GLN E 15 -5.95 16.03 2.23
CA GLN E 15 -4.73 16.60 2.81
C GLN E 15 -3.69 15.57 3.25
N LYS E 16 -4.00 14.27 3.17
CA LYS E 16 -3.20 13.25 3.85
C LYS E 16 -1.76 13.23 3.36
N VAL E 17 -1.59 13.19 2.04
CA VAL E 17 -0.25 13.08 1.49
C VAL E 17 0.63 14.25 1.95
N ARG E 18 0.12 15.48 1.84
CA ARG E 18 0.95 16.63 2.21
C ARG E 18 1.11 16.74 3.72
N LEU E 19 0.07 16.36 4.48
CA LEU E 19 0.17 16.38 5.93
C LEU E 19 1.25 15.42 6.42
N SER E 20 1.27 14.22 5.84
CA SER E 20 2.33 13.26 6.15
C SER E 20 3.71 13.84 5.87
N GLU E 21 3.87 14.50 4.71
CA GLU E 21 5.17 15.08 4.40
C GLU E 21 5.54 16.14 5.42
N VAL E 22 4.57 16.96 5.84
CA VAL E 22 4.88 18.01 6.81
C VAL E 22 5.20 17.41 8.18
N ILE E 23 4.40 16.42 8.63
CA ILE E 23 4.66 15.83 9.95
C ILE E 23 6.06 15.23 10.00
N HIS E 24 6.42 14.43 8.99
CA HIS E 24 7.72 13.78 9.01
C HIS E 24 8.87 14.79 9.01
N ARG E 25 8.72 15.90 8.28
CA ARG E 25 9.82 16.86 8.29
C ARG E 25 9.96 17.58 9.63
N CYS E 26 8.85 17.83 10.35
CA CYS E 26 8.97 18.34 11.71
C CYS E 26 9.64 17.31 12.62
N VAL E 27 9.35 16.03 12.38
CA VAL E 27 9.96 14.96 13.18
C VAL E 27 11.45 14.91 12.92
N VAL E 28 11.85 14.93 11.65
CA VAL E 28 13.28 14.91 11.33
C VAL E 28 13.98 16.11 11.97
N GLU E 29 13.40 17.31 11.85
CA GLU E 29 14.10 18.52 12.30
C GLU E 29 14.21 18.59 13.82
N ALA E 30 13.12 18.26 14.54
CA ALA E 30 13.11 18.43 15.99
C ALA E 30 13.82 17.30 16.72
N LEU E 31 13.70 16.06 16.24
CA LEU E 31 14.32 14.92 16.90
C LEU E 31 15.54 14.39 16.16
N GLN E 32 15.96 15.03 15.07
CA GLN E 32 17.14 14.60 14.30
C GLN E 32 17.02 13.12 13.91
N PHE E 33 15.87 12.75 13.54
CA PHE E 33 15.44 11.40 13.27
C PHE E 33 15.66 11.06 11.78
N PRO E 34 15.93 9.80 11.45
CA PRO E 34 16.22 9.43 10.06
C PRO E 34 15.14 9.86 9.08
N LYS E 35 15.58 10.51 7.99
CA LYS E 35 14.67 11.03 6.98
C LYS E 35 13.79 9.95 6.36
N ASN E 36 14.23 8.69 6.34
CA ASN E 36 13.45 7.65 5.69
C ASN E 36 12.82 6.65 6.65
N LYS E 37 12.64 7.02 7.93
CA LYS E 37 11.87 6.19 8.86
C LYS E 37 10.53 6.89 9.16
N ARG E 38 9.68 6.92 8.15
CA ARG E 38 8.36 7.56 8.25
C ARG E 38 7.33 6.46 8.47
N PHE E 39 6.72 6.45 9.68
CA PHE E 39 5.71 5.45 10.06
C PHE E 39 4.45 6.21 10.49
N HIS E 40 3.49 6.33 9.56
CA HIS E 40 2.25 7.07 9.75
C HIS E 40 1.03 6.18 9.49
N ARG E 41 -0.01 6.38 10.30
CA ARG E 41 -1.28 5.72 10.12
C ARG E 41 -2.36 6.78 10.16
N PHE E 42 -3.16 6.88 9.09
CA PHE E 42 -4.24 7.84 9.00
C PHE E 42 -5.59 7.17 9.25
N PHE E 43 -6.47 7.89 9.94
CA PHE E 43 -7.80 7.38 10.29
C PHE E 43 -8.84 8.42 9.91
N PRO E 44 -9.17 8.52 8.61
CA PRO E 44 -10.25 9.41 8.18
C PRO E 44 -11.57 8.91 8.75
N MET E 45 -12.27 9.78 9.46
CA MET E 45 -13.42 9.39 10.25
C MET E 45 -14.70 9.91 9.63
N LYS E 46 -15.77 9.15 9.76
CA LYS E 46 -17.09 9.69 9.46
C LYS E 46 -17.46 10.72 10.50
N ALA E 47 -18.16 11.77 10.07
CA ALA E 47 -18.45 12.84 11.03
C ALA E 47 -19.37 12.35 12.15
N GLU E 48 -20.22 11.37 11.87
CA GLU E 48 -21.01 10.79 12.95
C GLU E 48 -20.12 10.07 13.96
N ASP E 49 -18.86 9.76 13.61
CA ASP E 49 -17.99 9.01 14.51
C ASP E 49 -16.93 9.86 15.21
N MET E 50 -16.66 11.07 14.74
CA MET E 50 -15.64 11.94 15.35
C MET E 50 -16.33 13.25 15.73
N LEU E 51 -16.63 13.38 17.03
CA LEU E 51 -17.34 14.52 17.60
C LEU E 51 -16.37 15.42 18.34
N PHE E 52 -16.41 16.71 18.04
CA PHE E 52 -15.54 17.66 18.72
C PHE E 52 -16.39 18.83 19.23
N SER E 53 -15.75 19.71 20.00
CA SER E 53 -16.46 20.88 20.49
C SER E 53 -16.84 21.78 19.33
N GLU E 54 -18.00 22.43 19.44
CA GLU E 54 -18.40 23.42 18.43
C GLU E 54 -17.39 24.54 18.30
N ASP E 55 -16.48 24.67 19.26
CA ASP E 55 -15.33 25.58 19.23
C ASP E 55 -14.31 25.21 18.15
N ARG E 56 -14.41 24.03 17.54
CA ARG E 56 -13.48 23.61 16.51
C ARG E 56 -14.21 23.59 15.19
N SER E 57 -13.46 23.84 14.11
CA SER E 57 -14.03 23.76 12.77
C SER E 57 -13.84 22.35 12.22
N SER E 58 -14.36 22.11 11.01
CA SER E 58 -14.31 20.79 10.38
C SER E 58 -12.89 20.35 10.01
N ALA E 59 -11.90 21.23 10.14
CA ALA E 59 -10.51 20.86 9.94
C ALA E 59 -9.88 20.18 11.15
N TYR E 60 -10.61 20.04 12.28
CA TYR E 60 -10.05 19.53 13.52
C TYR E 60 -9.30 18.20 13.31
N THR E 61 -8.05 18.19 13.73
CA THR E 61 -7.14 17.09 13.42
C THR E 61 -6.35 16.73 14.66
N ILE E 62 -6.24 15.43 14.95
CA ILE E 62 -5.55 14.94 16.12
C ILE E 62 -4.33 14.15 15.68
N ILE E 63 -3.18 14.48 16.25
CA ILE E 63 -1.93 13.80 15.94
C ILE E 63 -1.39 13.15 17.21
N GLU E 64 -1.24 11.81 17.18
CA GLU E 64 -0.77 11.05 18.33
C GLU E 64 0.58 10.44 18.00
N ILE E 65 1.58 10.71 18.84
CA ILE E 65 2.95 10.30 18.57
C ILE E 65 3.44 9.40 19.69
N THR E 66 3.89 8.21 19.33
CA THR E 66 4.46 7.27 20.29
C THR E 66 5.95 7.13 20.01
N MET E 67 6.76 7.19 21.08
CA MET E 67 8.21 7.08 20.92
C MET E 67 8.84 6.49 22.18
N MET E 68 10.05 5.94 22.02
CA MET E 68 10.79 5.46 23.18
C MET E 68 11.22 6.62 24.07
N GLU E 69 11.17 6.42 25.39
CA GLU E 69 11.58 7.55 26.22
C GLU E 69 13.10 7.75 26.12
N GLY E 70 13.54 8.90 26.61
CA GLY E 70 14.92 9.30 26.50
C GLY E 70 15.13 10.63 25.81
N ARG E 71 14.14 11.16 25.10
CA ARG E 71 14.38 12.47 24.53
C ARG E 71 14.06 13.56 25.56
N SER E 72 14.68 14.72 25.38
CA SER E 72 14.55 15.80 26.33
C SER E 72 13.20 16.48 26.19
N LYS E 73 12.78 17.10 27.28
CA LYS E 73 11.58 17.92 27.27
C LYS E 73 11.70 19.03 26.22
N GLU E 74 12.91 19.55 26.03
CA GLU E 74 13.14 20.61 25.05
C GLU E 74 12.90 20.13 23.61
N ALA E 75 13.37 18.93 23.27
CA ALA E 75 13.13 18.41 21.93
C ALA E 75 11.65 18.13 21.70
N LYS E 76 10.97 17.56 22.71
CA LYS E 76 9.55 17.29 22.58
C LYS E 76 8.76 18.59 22.39
N LYS E 77 9.10 19.63 23.16
CA LYS E 77 8.39 20.91 23.04
C LYS E 77 8.70 21.57 21.69
N LYS E 78 9.94 21.46 21.22
CA LYS E 78 10.26 21.85 19.85
C LYS E 78 9.38 21.13 18.84
N LEU E 79 9.21 19.82 19.01
CA LEU E 79 8.49 19.07 18.00
C LEU E 79 7.05 19.58 17.88
N ILE E 80 6.42 19.87 19.01
CA ILE E 80 5.04 20.31 19.00
C ILE E 80 4.92 21.69 18.36
N ALA E 81 5.81 22.61 18.72
CA ALA E 81 5.78 23.97 18.17
C ALA E 81 6.03 23.96 16.66
N LEU E 82 6.98 23.13 16.20
CA LEU E 82 7.21 23.01 14.77
C LEU E 82 5.97 22.50 14.04
N LEU E 83 5.29 21.49 14.59
CA LEU E 83 4.09 20.96 13.94
C LEU E 83 3.01 22.04 13.85
N PHE E 84 2.73 22.75 14.95
CA PHE E 84 1.73 23.82 14.89
C PHE E 84 2.09 24.83 13.81
N LYS E 85 3.36 25.26 13.78
CA LYS E 85 3.79 26.27 12.83
C LYS E 85 3.72 25.78 11.39
N HIS E 86 4.30 24.62 11.11
CA HIS E 86 4.39 24.21 9.72
C HIS E 86 3.07 23.65 9.20
N ILE E 87 2.21 23.13 10.07
CA ILE E 87 0.93 22.64 9.59
C ILE E 87 0.02 23.80 9.25
N GLU E 88 0.01 24.85 10.07
CA GLU E 88 -0.75 26.05 9.71
C GLU E 88 -0.22 26.67 8.42
N GLU E 89 1.10 26.82 8.32
CA GLU E 89 1.68 27.47 7.15
C GLU E 89 1.46 26.67 5.87
N GLU E 90 1.61 25.33 5.94
CA GLU E 90 1.56 24.52 4.74
C GLU E 90 0.17 24.03 4.41
N LEU E 91 -0.70 23.86 5.40
CA LEU E 91 -2.04 23.31 5.18
C LEU E 91 -3.16 24.23 5.62
N GLY E 92 -2.86 25.38 6.22
CA GLY E 92 -3.92 26.25 6.68
C GLY E 92 -4.68 25.79 7.89
N ILE E 93 -4.25 24.70 8.54
CA ILE E 93 -4.94 24.23 9.74
C ILE E 93 -4.50 25.10 10.92
N ALA E 94 -5.45 25.82 11.50
CA ALA E 94 -5.13 26.79 12.53
C ALA E 94 -4.90 26.09 13.87
N GLY E 95 -4.06 26.70 14.71
CA GLY E 95 -3.66 26.08 15.97
C GLY E 95 -4.86 25.61 16.79
N ASN E 96 -5.96 26.35 16.71
CA ASN E 96 -7.18 25.98 17.42
C ASN E 96 -7.72 24.65 16.93
N ASP E 97 -7.47 24.30 15.67
CA ASP E 97 -7.98 23.07 15.06
C ASP E 97 -6.97 21.94 15.05
N LEU E 98 -5.86 22.05 15.79
CA LEU E 98 -4.87 21.00 15.80
C LEU E 98 -4.55 20.58 17.22
N GLU E 99 -4.47 19.27 17.43
CA GLU E 99 -4.23 18.69 18.75
C GLU E 99 -3.14 17.63 18.65
N ILE E 100 -2.13 17.74 19.51
CA ILE E 100 -0.96 16.86 19.44
C ILE E 100 -0.71 16.22 20.80
N PHE E 101 -0.48 14.91 20.79
CA PHE E 101 -0.28 14.13 22.00
C PHE E 101 0.94 13.25 21.79
N ILE E 102 1.96 13.39 22.64
CA ILE E 102 3.15 12.55 22.65
C ILE E 102 3.04 11.52 23.77
N GLN E 103 3.32 10.26 23.43
CA GLN E 103 3.34 9.14 24.33
C GLN E 103 4.72 8.47 24.33
N GLU E 104 5.21 8.14 25.52
CA GLU E 104 6.50 7.47 25.68
C GLU E 104 6.33 6.15 26.42
N ALA E 105 7.33 5.29 26.30
CA ALA E 105 7.43 4.07 27.09
C ALA E 105 8.90 3.64 27.10
N PRO E 106 9.31 2.81 28.07
CA PRO E 106 10.71 2.39 28.13
C PRO E 106 11.09 1.51 26.94
N ALA E 107 12.40 1.49 26.66
CA ALA E 107 12.93 0.81 25.48
C ALA E 107 12.57 -0.67 25.47
N TYR E 108 12.59 -1.32 26.63
CA TYR E 108 12.24 -2.74 26.65
C TYR E 108 10.74 -2.99 26.50
N HIS E 109 9.92 -1.96 26.30
CA HIS E 109 8.52 -2.13 25.94
C HIS E 109 8.30 -2.28 24.44
N PHE E 110 9.36 -2.11 23.65
CA PHE E 110 9.29 -2.11 22.19
C PHE E 110 9.98 -3.35 21.62
N GLY E 111 9.46 -3.82 20.50
CA GLY E 111 10.15 -4.80 19.69
C GLY E 111 10.16 -4.39 18.24
N PHE E 112 11.34 -4.43 17.61
CA PHE E 112 11.41 -4.20 16.17
C PHE E 112 12.60 -4.97 15.63
N ARG E 113 12.53 -5.32 14.34
CA ARG E 113 13.63 -5.96 13.62
C ARG E 113 14.14 -7.19 14.37
N GLY E 114 13.20 -7.95 14.94
CA GLY E 114 13.50 -9.21 15.61
C GLY E 114 13.94 -9.10 17.05
N MET E 115 14.22 -7.90 17.56
CA MET E 115 14.75 -7.72 18.91
C MET E 115 13.93 -6.72 19.71
N GLY E 116 14.11 -6.77 21.03
CA GLY E 116 13.56 -5.74 21.90
C GLY E 116 14.31 -4.42 21.79
N GLY E 117 13.64 -3.35 22.23
CA GLY E 117 14.17 -2.00 22.08
C GLY E 117 15.45 -1.71 22.85
N ASP E 118 15.83 -2.54 23.81
CA ASP E 118 17.07 -2.36 24.57
C ASP E 118 18.12 -3.39 24.16
N GLU E 119 18.25 -3.65 22.86
CA GLU E 119 19.24 -4.60 22.34
C GLU E 119 19.97 -4.01 21.13
N PRO F 1 -4.35 -8.01 29.28
CA PRO F 1 -3.83 -7.32 28.09
C PRO F 1 -4.89 -7.13 27.00
N GLN F 2 -5.01 -5.88 26.57
CA GLN F 2 -5.76 -5.51 25.38
C GLN F 2 -4.78 -5.41 24.22
N VAL F 3 -5.11 -6.02 23.07
CA VAL F 3 -4.20 -6.05 21.94
C VAL F 3 -4.87 -5.37 20.74
N LYS F 4 -4.12 -4.48 20.10
CA LYS F 4 -4.52 -3.80 18.87
C LYS F 4 -3.53 -4.19 17.77
N ILE F 5 -4.05 -4.66 16.63
CA ILE F 5 -3.20 -5.14 15.54
C ILE F 5 -3.48 -4.31 14.28
N TYR F 6 -2.44 -3.78 13.69
CA TYR F 6 -2.54 -2.90 12.53
C TYR F 6 -1.73 -3.52 11.39
N GLY F 7 -2.31 -3.55 10.19
CA GLY F 7 -1.60 -4.08 9.04
C GLY F 7 -2.35 -3.70 7.78
N LEU F 8 -1.73 -3.95 6.65
CA LEU F 8 -2.40 -3.67 5.38
C LEU F 8 -3.55 -4.64 5.16
N ASP F 9 -4.72 -4.10 4.79
CA ASP F 9 -5.90 -4.94 4.62
C ASP F 9 -5.63 -6.17 3.76
N SER F 10 -4.92 -5.98 2.63
CA SER F 10 -4.69 -7.11 1.72
C SER F 10 -3.96 -8.28 2.40
N HIS F 11 -3.07 -7.99 3.32
CA HIS F 11 -2.27 -9.02 4.00
C HIS F 11 -2.87 -9.47 5.35
N LEU F 12 -3.46 -8.54 6.10
CA LEU F 12 -3.91 -8.83 7.46
C LEU F 12 -5.21 -9.61 7.48
N ASN F 13 -6.15 -9.27 6.60
CA ASN F 13 -7.48 -9.86 6.66
C ASN F 13 -7.44 -11.38 6.56
N PRO F 14 -6.75 -12.00 5.60
CA PRO F 14 -6.71 -13.47 5.57
C PRO F 14 -5.92 -14.10 6.71
N GLN F 15 -5.13 -13.33 7.46
CA GLN F 15 -4.34 -13.90 8.55
C GLN F 15 -4.93 -13.61 9.93
N LYS F 16 -6.03 -12.86 10.02
CA LYS F 16 -6.52 -12.37 11.31
C LYS F 16 -6.72 -13.50 12.30
N VAL F 17 -7.44 -14.54 11.90
CA VAL F 17 -7.77 -15.62 12.83
C VAL F 17 -6.50 -16.31 13.32
N ARG F 18 -5.60 -16.65 12.39
CA ARG F 18 -4.38 -17.35 12.78
C ARG F 18 -3.47 -16.45 13.61
N LEU F 19 -3.37 -15.18 13.23
CA LEU F 19 -2.51 -14.28 13.99
C LEU F 19 -3.03 -14.09 15.41
N SER F 20 -4.35 -14.04 15.59
CA SER F 20 -4.93 -13.93 16.91
C SER F 20 -4.57 -15.13 17.79
N GLU F 21 -4.72 -16.37 17.28
CA GLU F 21 -4.37 -17.54 18.08
C GLU F 21 -2.91 -17.51 18.49
N VAL F 22 -2.02 -17.09 17.59
CA VAL F 22 -0.61 -17.09 17.92
C VAL F 22 -0.30 -16.07 19.00
N ILE F 23 -0.96 -14.90 18.92
CA ILE F 23 -0.72 -13.84 19.88
C ILE F 23 -1.24 -14.23 21.25
N HIS F 24 -2.44 -14.82 21.31
CA HIS F 24 -2.93 -15.25 22.62
C HIS F 24 -2.03 -16.33 23.22
N ARG F 25 -1.59 -17.29 22.42
CA ARG F 25 -0.69 -18.32 22.92
C ARG F 25 0.57 -17.72 23.55
N CYS F 26 1.13 -16.67 22.93
CA CYS F 26 2.31 -16.02 23.51
C CYS F 26 1.96 -15.28 24.79
N VAL F 27 0.83 -14.57 24.80
CA VAL F 27 0.39 -13.88 26.00
C VAL F 27 0.19 -14.86 27.14
N VAL F 28 -0.47 -16.00 26.87
CA VAL F 28 -0.73 -16.99 27.92
C VAL F 28 0.58 -17.54 28.47
N GLU F 29 1.50 -17.92 27.58
CA GLU F 29 2.76 -18.51 28.03
C GLU F 29 3.58 -17.51 28.82
N ALA F 30 3.82 -16.32 28.26
CA ALA F 30 4.78 -15.40 28.83
C ALA F 30 4.29 -14.75 30.12
N LEU F 31 2.98 -14.53 30.23
CA LEU F 31 2.40 -13.82 31.35
C LEU F 31 1.55 -14.72 32.25
N GLN F 32 1.37 -15.99 31.88
CA GLN F 32 0.59 -16.95 32.67
C GLN F 32 -0.81 -16.38 32.94
N PHE F 33 -1.40 -15.86 31.94
CA PHE F 33 -2.66 -15.16 31.87
C PHE F 33 -3.77 -16.14 31.48
N PRO F 34 -5.01 -15.91 31.93
CA PRO F 34 -6.08 -16.90 31.68
C PRO F 34 -6.34 -17.12 30.20
N LYS F 35 -6.44 -18.40 29.81
CA LYS F 35 -6.59 -18.80 28.42
C LYS F 35 -7.89 -18.30 27.78
N ASN F 36 -8.92 -17.99 28.56
CA ASN F 36 -10.17 -17.57 27.93
C ASN F 36 -10.31 -16.05 27.78
N LYS F 37 -9.31 -15.26 28.19
CA LYS F 37 -9.41 -13.81 28.17
C LYS F 37 -8.55 -13.24 27.03
N ARG F 38 -9.05 -13.40 25.81
CA ARG F 38 -8.39 -12.93 24.59
C ARG F 38 -9.16 -11.69 24.15
N PHE F 39 -8.52 -10.51 24.21
CA PHE F 39 -9.14 -9.25 23.79
C PHE F 39 -8.32 -8.56 22.69
N HIS F 40 -8.70 -8.82 21.43
CA HIS F 40 -7.94 -8.41 20.24
C HIS F 40 -8.80 -7.54 19.33
N ARG F 41 -8.26 -6.39 18.90
CA ARG F 41 -8.91 -5.51 17.91
C ARG F 41 -7.99 -5.37 16.69
N PHE F 42 -8.54 -5.68 15.51
CA PHE F 42 -7.80 -5.64 14.23
C PHE F 42 -8.21 -4.42 13.42
N PHE F 43 -7.21 -3.79 12.80
CA PHE F 43 -7.39 -2.55 12.05
C PHE F 43 -6.74 -2.75 10.68
N PRO F 44 -7.40 -3.44 9.76
CA PRO F 44 -6.86 -3.60 8.40
C PRO F 44 -6.98 -2.28 7.67
N MET F 45 -5.86 -1.79 7.17
CA MET F 45 -5.79 -0.43 6.67
C MET F 45 -5.43 -0.41 5.19
N LYS F 46 -5.80 0.65 4.49
CA LYS F 46 -5.43 0.76 3.08
C LYS F 46 -3.98 1.19 2.93
N ALA F 47 -3.40 0.81 1.78
CA ALA F 47 -2.03 1.20 1.46
C ALA F 47 -1.84 2.71 1.50
N GLU F 48 -2.88 3.47 1.16
CA GLU F 48 -2.75 4.93 1.22
C GLU F 48 -2.77 5.46 2.66
N ASP F 49 -3.23 4.67 3.61
CA ASP F 49 -3.46 5.13 4.97
C ASP F 49 -2.42 4.65 5.98
N MET F 50 -1.83 3.47 5.77
CA MET F 50 -0.79 2.96 6.65
C MET F 50 0.53 3.03 5.89
N LEU F 51 1.40 3.95 6.31
CA LEU F 51 2.63 4.26 5.59
C LEU F 51 3.85 3.85 6.39
N PHE F 52 4.86 3.34 5.70
CA PHE F 52 6.01 2.78 6.41
C PHE F 52 7.24 2.90 5.51
N SER F 53 8.39 2.52 6.07
CA SER F 53 9.65 2.77 5.39
C SER F 53 9.88 1.76 4.28
N GLU F 54 10.79 2.14 3.38
CA GLU F 54 11.02 1.38 2.16
C GLU F 54 11.69 0.04 2.42
N ASP F 55 12.24 -0.21 3.59
CA ASP F 55 12.80 -1.53 3.84
C ASP F 55 11.84 -2.47 4.55
N ARG F 56 10.56 -2.12 4.63
CA ARG F 56 9.57 -3.04 5.12
C ARG F 56 8.79 -3.59 3.93
N SER F 57 8.39 -4.85 4.02
CA SER F 57 7.53 -5.41 3.01
C SER F 57 6.07 -5.10 3.32
N SER F 58 5.18 -5.46 2.38
CA SER F 58 3.77 -5.17 2.55
C SER F 58 3.12 -6.02 3.64
N ALA F 59 3.87 -6.92 4.27
CA ALA F 59 3.42 -7.68 5.43
C ALA F 59 3.64 -6.94 6.76
N TYR F 60 4.11 -5.69 6.70
CA TYR F 60 4.42 -4.91 7.90
C TYR F 60 3.22 -4.82 8.83
N THR F 61 3.42 -5.26 10.08
CA THR F 61 2.34 -5.48 11.04
C THR F 61 2.75 -4.90 12.39
N ILE F 62 1.83 -4.16 13.02
CA ILE F 62 2.09 -3.50 14.30
C ILE F 62 1.20 -4.14 15.35
N ILE F 63 1.79 -4.47 16.49
CA ILE F 63 1.06 -5.09 17.60
C ILE F 63 1.24 -4.22 18.82
N GLU F 64 0.14 -3.65 19.31
CA GLU F 64 0.18 -2.81 20.49
C GLU F 64 -0.55 -3.51 21.63
N ILE F 65 0.15 -3.67 22.74
CA ILE F 65 -0.36 -4.38 23.92
C ILE F 65 -0.47 -3.37 25.06
N THR F 66 -1.66 -3.22 25.61
CA THR F 66 -1.88 -2.39 26.79
C THR F 66 -2.20 -3.33 27.96
N MET F 67 -1.54 -3.12 29.09
CA MET F 67 -1.72 -4.01 30.24
C MET F 67 -1.42 -3.24 31.52
N MET F 68 -1.97 -3.73 32.63
CA MET F 68 -1.74 -3.08 33.92
C MET F 68 -0.29 -3.19 34.34
N GLU F 69 0.21 -2.12 34.96
CA GLU F 69 1.58 -2.10 35.42
C GLU F 69 1.79 -3.16 36.49
N GLY F 70 3.02 -3.65 36.62
CA GLY F 70 3.26 -4.64 37.65
C GLY F 70 3.94 -5.91 37.21
N ARG F 71 3.95 -6.20 35.91
CA ARG F 71 4.73 -7.36 35.50
C ARG F 71 6.20 -6.99 35.37
N SER F 72 7.04 -8.02 35.46
CA SER F 72 8.48 -7.82 35.50
C SER F 72 9.05 -7.51 34.12
N LYS F 73 10.21 -6.84 34.13
CA LYS F 73 10.91 -6.54 32.89
C LYS F 73 11.17 -7.82 32.09
N GLU F 74 11.63 -8.88 32.76
CA GLU F 74 11.95 -10.10 32.02
C GLU F 74 10.69 -10.78 31.50
N ALA F 75 9.54 -10.58 32.17
CA ALA F 75 8.30 -11.15 31.64
C ALA F 75 7.90 -10.48 30.34
N LYS F 76 8.05 -9.15 30.25
CA LYS F 76 7.68 -8.42 29.04
C LYS F 76 8.66 -8.73 27.91
N LYS F 77 9.95 -8.87 28.23
CA LYS F 77 10.97 -9.21 27.24
C LYS F 77 10.76 -10.60 26.67
N LYS F 78 10.27 -11.53 27.47
CA LYS F 78 10.00 -12.87 26.98
C LYS F 78 8.78 -12.88 26.06
N LEU F 79 7.74 -12.11 26.41
CA LEU F 79 6.57 -11.99 25.54
C LEU F 79 6.95 -11.45 24.17
N ILE F 80 7.68 -10.33 24.14
CA ILE F 80 8.22 -9.78 22.89
C ILE F 80 8.96 -10.86 22.12
N ALA F 81 9.94 -11.49 22.77
CA ALA F 81 10.72 -12.53 22.09
C ALA F 81 9.82 -13.66 21.58
N LEU F 82 8.81 -14.10 22.38
CA LEU F 82 7.91 -15.17 21.94
C LEU F 82 7.02 -14.75 20.77
N LEU F 83 6.60 -13.49 20.70
CA LEU F 83 5.82 -13.05 19.55
C LEU F 83 6.67 -13.06 18.28
N PHE F 84 7.88 -12.49 18.34
CA PHE F 84 8.76 -12.52 17.17
C PHE F 84 9.01 -13.94 16.69
N LYS F 85 9.42 -14.82 17.61
CA LYS F 85 9.69 -16.22 17.26
C LYS F 85 8.47 -16.90 16.62
N HIS F 86 7.33 -16.88 17.31
CA HIS F 86 6.23 -17.72 16.84
C HIS F 86 5.50 -17.11 15.64
N ILE F 87 5.46 -15.79 15.54
CA ILE F 87 4.81 -15.19 14.37
C ILE F 87 5.62 -15.49 13.11
N GLU F 88 6.94 -15.44 13.18
CA GLU F 88 7.76 -15.85 12.04
C GLU F 88 7.54 -17.33 11.73
N GLU F 89 7.64 -18.18 12.75
CA GLU F 89 7.54 -19.63 12.53
C GLU F 89 6.16 -20.02 12.01
N GLU F 90 5.09 -19.42 12.53
CA GLU F 90 3.73 -19.84 12.21
C GLU F 90 3.09 -19.06 11.07
N LEU F 91 3.45 -17.79 10.88
CA LEU F 91 2.85 -16.98 9.82
C LEU F 91 3.84 -16.48 8.78
N GLY F 92 5.13 -16.72 8.92
CA GLY F 92 6.05 -16.25 7.92
C GLY F 92 6.31 -14.76 7.93
N ILE F 93 5.80 -14.01 8.91
CA ILE F 93 6.12 -12.59 9.01
C ILE F 93 7.51 -12.45 9.64
N ALA F 94 8.42 -11.81 8.94
CA ALA F 94 9.81 -11.71 9.37
C ALA F 94 9.98 -10.63 10.43
N GLY F 95 11.03 -10.77 11.25
CA GLY F 95 11.27 -9.83 12.33
C GLY F 95 11.26 -8.39 11.88
N ASN F 96 11.80 -8.13 10.68
CA ASN F 96 11.81 -6.78 10.14
C ASN F 96 10.39 -6.21 9.97
N ASP F 97 9.45 -7.04 9.52
CA ASP F 97 8.10 -6.60 9.24
C ASP F 97 7.18 -6.65 10.44
N LEU F 98 7.71 -6.86 11.63
CA LEU F 98 6.88 -6.91 12.83
C LEU F 98 7.37 -5.89 13.84
N GLU F 99 6.45 -5.09 14.39
CA GLU F 99 6.77 -4.17 15.48
C GLU F 99 5.81 -4.38 16.63
N ILE F 100 6.35 -4.34 17.85
CA ILE F 100 5.61 -4.64 19.07
C ILE F 100 5.85 -3.51 20.06
N PHE F 101 4.78 -3.01 20.64
CA PHE F 101 4.83 -1.91 21.58
C PHE F 101 3.97 -2.33 22.76
N ILE F 102 4.53 -2.22 23.97
CA ILE F 102 3.81 -2.52 25.22
C ILE F 102 3.56 -1.21 25.94
N GLN F 103 2.32 -0.98 26.33
CA GLN F 103 1.95 0.15 27.16
C GLN F 103 1.42 -0.31 28.52
N GLU F 104 1.80 0.41 29.57
CA GLU F 104 1.33 0.18 30.93
C GLU F 104 0.65 1.41 31.51
N ALA F 105 -0.11 1.21 32.57
CA ALA F 105 -0.65 2.29 33.38
C ALA F 105 -1.00 1.74 34.75
N PRO F 106 -1.16 2.60 35.76
CA PRO F 106 -1.53 2.09 37.09
C PRO F 106 -2.85 1.35 37.10
N ALA F 107 -2.97 0.41 38.04
CA ALA F 107 -4.18 -0.39 38.16
C ALA F 107 -5.43 0.47 38.32
N TYR F 108 -5.34 1.59 39.06
CA TYR F 108 -6.52 2.45 39.22
C TYR F 108 -6.84 3.27 37.97
N HIS F 109 -6.07 3.14 36.88
CA HIS F 109 -6.42 3.74 35.60
C HIS F 109 -7.36 2.86 34.77
N PHE F 110 -7.71 1.67 35.28
CA PHE F 110 -8.49 0.71 34.51
C PHE F 110 -9.84 0.46 35.18
N GLY F 111 -10.83 0.11 34.37
CA GLY F 111 -12.13 -0.33 34.84
C GLY F 111 -12.51 -1.68 34.28
N PHE F 112 -12.74 -2.65 35.17
CA PHE F 112 -13.01 -4.04 34.83
C PHE F 112 -14.24 -4.52 35.60
N ARG F 113 -15.08 -5.32 34.94
CA ARG F 113 -16.20 -6.06 35.55
C ARG F 113 -17.05 -5.21 36.49
N GLY F 114 -17.03 -3.89 36.31
CA GLY F 114 -17.72 -2.99 37.21
C GLY F 114 -16.90 -2.40 38.33
N MET F 115 -15.58 -2.57 38.31
CA MET F 115 -14.72 -2.10 39.40
C MET F 115 -13.40 -1.59 38.84
N GLY F 116 -12.66 -0.85 39.70
CA GLY F 116 -11.33 -0.40 39.35
C GLY F 116 -10.29 -1.51 39.47
N GLY F 117 -9.16 -1.27 38.80
CA GLY F 117 -8.13 -2.30 38.72
C GLY F 117 -7.37 -2.57 40.00
N ASP F 118 -7.35 -1.61 40.95
CA ASP F 118 -6.66 -1.81 42.22
C ASP F 118 -7.54 -2.49 43.26
N GLU F 119 -8.48 -3.33 42.84
CA GLU F 119 -9.40 -4.01 43.75
C GLU F 119 -9.44 -5.53 43.53
C02 A1AWY G . 8.13 -17.64 -26.14
C03 A1AWY G . 7.88 -16.81 -27.41
C04 A1AWY G . 7.20 -17.56 -28.57
O01 A1AWY G . 9.22 -18.06 -25.88
O05 A1AWY G . 7.59 -18.68 -28.96
O06 A1AWY G . 6.22 -17.06 -29.19
C02 A1AWY H . -9.60 16.49 28.11
C03 A1AWY H . -8.24 16.03 28.71
C04 A1AWY H . -7.29 17.14 29.16
O01 A1AWY H . -9.70 16.93 27.00
O05 A1AWY H . -6.67 17.02 30.25
O06 A1AWY H . -7.10 18.16 28.45
C02 A1AWY I . 9.72 6.15 17.18
C03 A1AWY I . 11.15 5.58 17.19
C04 A1AWY I . 11.99 6.03 18.37
O01 A1AWY I . 8.79 5.49 17.56
O05 A1AWY I . 11.44 6.21 19.48
O06 A1AWY I . 13.24 6.25 18.25
C02 A1AWY J . -4.88 -6.96 30.11
C03 A1AWY J . -5.25 -7.34 31.55
C04 A1AWY J . -4.05 -7.41 32.49
O01 A1AWY J . -5.02 -5.82 29.76
O05 A1AWY J . -3.96 -8.38 33.30
O06 A1AWY J . -3.15 -6.52 32.49
#